data_3BEP
#
_entry.id   3BEP
#
_cell.length_a   40.203
_cell.length_b   70.080
_cell.length_c   73.872
_cell.angle_alpha   113.284
_cell.angle_beta   92.073
_cell.angle_gamma   99.361
#
_symmetry.space_group_name_H-M   'P 1'
#
loop_
_entity.id
_entity.type
_entity.pdbx_description
1 polymer "DNA (5'-D(P*DCP*DCP*DCP*DAP*DTP*DCP*DGP*DTP*DAP*DT)-3')"
2 polymer "DNA (5'-D(*DTP*DTP*DTP*DTP*DAP*DTP*DAP*DCP*DGP*DAP*DTP*DGP*DGP*DG)-3')"
3 polymer 'DNA polymerase III subunit beta'
4 non-polymer '1-(3-hydroxypropyl)-2-{(1E,3E,5E)-5-[1-(3-hydroxypropyl)-3,3-dimethyl-1,3-dihydro-2H-indol-2-ylidene]penta-1,3-dien-1-y l}-3,3-dimethyl-3H-indolium'
5 water water
#
loop_
_entity_poly.entity_id
_entity_poly.type
_entity_poly.pdbx_seq_one_letter_code
_entity_poly.pdbx_strand_id
1 'polydeoxyribonucleotide' (DC)(DC)(DC)(DA)(DT)(DC)(DG)(DT)(DA)(DT) C
2 'polydeoxyribonucleotide' (DT)(DT)(DT)(DT)(DA)(DT)(DA)(DC)(DG)(DA)(DT)(DG)(DG)(DG) D
3 'polypeptide(L)'
;MKFTVEREHLLKPLQQVSGPLGGRPTLPILGNLLLQVADGTLSLTGTDLEMEMVARVALVQPHEPGATTVPARKFFDICR
GLPEGAEIAVQLEGERMLVRSGRSRFSLSTLPAADFPNLDDWQSEVEFTLPQATMKRLIEATQFSMAHQDVRYYLNGMLF
ETEGEELRTVATDGHRLAVCSMPIGQSLPSHSVIVPRKGVIELMRMLDGGDNPLRVQIGSNNIRAHVGDFIFTSKLVDGR
FPDYRRVLPKNPDKHLEAGCDLLKQAFARAAILSNEKFRGVRLYVSENQLKITANNPEQEEAEEILDVTYSGAEMEIGFN
VSYVLDVLNALKCENVRMMLTDSVSSVQIEDAASQSAAYVVMPMRL
;
A,B
#
# COMPACT_ATOMS: atom_id res chain seq x y z
N MET C 1 -29.80 21.74 -15.23
CA MET C 1 -29.30 20.36 -15.43
C MET C 1 -29.92 19.45 -14.38
N LYS C 2 -30.40 18.28 -14.81
CA LYS C 2 -31.01 17.35 -13.87
C LYS C 2 -30.96 15.90 -14.37
N PHE C 3 -30.66 14.98 -13.46
CA PHE C 3 -30.63 13.56 -13.82
C PHE C 3 -30.67 12.64 -12.62
N THR C 4 -31.24 11.46 -12.83
CA THR C 4 -31.32 10.44 -11.79
C THR C 4 -30.75 9.15 -12.36
N VAL C 5 -29.74 8.61 -11.68
CA VAL C 5 -29.09 7.39 -12.14
C VAL C 5 -28.79 6.45 -10.98
N GLU C 6 -28.58 5.18 -11.31
CA GLU C 6 -28.26 4.17 -10.33
C GLU C 6 -26.79 4.37 -9.91
N ARG C 7 -26.50 4.22 -8.62
CA ARG C 7 -25.16 4.37 -8.09
C ARG C 7 -24.09 3.64 -8.90
N GLU C 8 -24.34 2.36 -9.18
CA GLU C 8 -23.37 1.54 -9.92
C GLU C 8 -23.08 1.99 -11.35
N HIS C 9 -24.07 2.57 -12.04
CA HIS C 9 -23.85 3.03 -13.41
C HIS C 9 -23.05 4.34 -13.37
N LEU C 10 -22.86 4.87 -12.18
CA LEU C 10 -22.13 6.14 -12.00
C LEU C 10 -20.71 5.97 -11.46
N LEU C 11 -20.50 4.99 -10.56
CA LEU C 11 -19.18 4.76 -9.97
C LEU C 11 -18.08 4.44 -10.98
N LYS C 12 -18.43 3.65 -11.99
CA LYS C 12 -17.49 3.25 -13.04
C LYS C 12 -16.95 4.47 -13.77
N PRO C 13 -17.83 5.29 -14.37
CA PRO C 13 -17.39 6.49 -15.09
C PRO C 13 -16.60 7.45 -14.21
N LEU C 14 -17.16 7.78 -13.05
CA LEU C 14 -16.52 8.70 -12.11
C LEU C 14 -15.10 8.30 -11.81
N GLN C 15 -14.90 7.02 -11.52
CA GLN C 15 -13.58 6.52 -11.19
C GLN C 15 -12.63 6.71 -12.38
N GLN C 16 -13.11 6.43 -13.58
CA GLN C 16 -12.29 6.57 -14.80
C GLN C 16 -11.91 8.01 -15.14
N VAL C 17 -12.87 8.92 -15.10
CA VAL C 17 -12.59 10.31 -15.45
C VAL C 17 -11.80 11.05 -14.36
N SER C 18 -11.60 10.41 -13.22
CA SER C 18 -10.84 11.03 -12.14
C SER C 18 -9.35 10.78 -12.34
N GLY C 19 -9.03 9.83 -13.22
CA GLY C 19 -7.65 9.49 -13.50
C GLY C 19 -6.72 10.67 -13.73
N PRO C 20 -6.98 11.51 -14.75
CA PRO C 20 -6.16 12.68 -15.06
C PRO C 20 -5.78 13.54 -13.84
N LEU C 21 -6.69 13.65 -12.87
CA LEU C 21 -6.43 14.45 -11.67
C LEU C 21 -5.30 13.80 -10.86
N GLY C 22 -4.38 14.63 -10.35
CA GLY C 22 -3.27 14.09 -9.59
C GLY C 22 -2.97 14.83 -8.30
N GLY C 23 -4.01 15.34 -7.65
CA GLY C 23 -3.83 16.06 -6.40
C GLY C 23 -3.09 17.37 -6.58
N ARG C 24 -3.17 18.23 -5.57
CA ARG C 24 -2.54 19.54 -5.59
C ARG C 24 -2.56 20.19 -6.97
N PRO C 25 -3.75 20.58 -7.43
CA PRO C 25 -3.93 21.21 -8.74
C PRO C 25 -3.36 22.63 -8.77
N THR C 26 -2.95 23.07 -9.95
CA THR C 26 -2.41 24.41 -10.11
C THR C 26 -3.60 25.36 -10.23
N LEU C 27 -4.75 24.78 -10.60
CA LEU C 27 -6.00 25.51 -10.75
C LEU C 27 -7.10 24.73 -10.06
N PRO C 28 -7.93 25.41 -9.26
CA PRO C 28 -9.02 24.75 -8.53
C PRO C 28 -10.00 24.00 -9.44
N ILE C 29 -10.22 24.52 -10.64
CA ILE C 29 -11.14 23.89 -11.58
C ILE C 29 -10.62 22.54 -12.06
N LEU C 30 -9.30 22.37 -12.03
CA LEU C 30 -8.69 21.11 -12.47
C LEU C 30 -8.95 20.03 -11.41
N GLY C 31 -9.62 20.42 -10.33
CA GLY C 31 -9.95 19.46 -9.29
C GLY C 31 -11.39 19.00 -9.46
N ASN C 32 -12.08 19.58 -10.43
CA ASN C 32 -13.49 19.27 -10.69
C ASN C 32 -13.71 18.44 -11.95
N LEU C 33 -14.87 17.80 -12.01
CA LEU C 33 -15.27 17.01 -13.17
C LEU C 33 -16.38 17.79 -13.85
N LEU C 34 -16.33 17.83 -15.18
CA LEU C 34 -17.37 18.51 -15.95
C LEU C 34 -18.55 17.56 -16.15
N LEU C 35 -19.73 18.00 -15.77
CA LEU C 35 -20.94 17.20 -15.94
C LEU C 35 -21.77 17.91 -17.00
N GLN C 36 -22.21 17.15 -17.99
CA GLN C 36 -23.02 17.69 -19.08
C GLN C 36 -24.16 16.76 -19.45
N VAL C 37 -25.36 17.32 -19.44
CA VAL C 37 -26.55 16.55 -19.81
C VAL C 37 -27.05 17.11 -21.13
N ALA C 38 -27.22 16.22 -22.09
CA ALA C 38 -27.70 16.61 -23.42
C ALA C 38 -28.16 15.37 -24.16
N ASP C 39 -29.24 15.54 -24.92
CA ASP C 39 -29.83 14.49 -25.73
C ASP C 39 -29.82 13.11 -25.05
N GLY C 40 -30.37 13.04 -23.85
CA GLY C 40 -30.43 11.77 -23.14
C GLY C 40 -29.14 11.13 -22.63
N THR C 41 -28.05 11.88 -22.63
CA THR C 41 -26.78 11.32 -22.16
C THR C 41 -26.08 12.23 -21.15
N LEU C 42 -25.47 11.61 -20.14
CA LEU C 42 -24.71 12.36 -19.15
C LEU C 42 -23.25 12.14 -19.52
N SER C 43 -22.51 13.22 -19.73
CA SER C 43 -21.10 13.10 -20.06
C SER C 43 -20.32 13.66 -18.86
N LEU C 44 -19.26 12.96 -18.48
CA LEU C 44 -18.42 13.37 -17.36
C LEU C 44 -17.01 13.49 -17.91
N THR C 45 -16.32 14.58 -17.59
CA THR C 45 -14.97 14.75 -18.08
C THR C 45 -14.01 15.15 -16.96
N GLY C 46 -12.81 14.58 -17.01
CA GLY C 46 -11.76 14.87 -16.06
C GLY C 46 -10.57 15.27 -16.91
N THR C 47 -9.77 16.23 -16.45
CA THR C 47 -8.60 16.67 -17.21
C THR C 47 -7.52 17.33 -16.35
N ASP C 48 -6.32 17.42 -16.91
CA ASP C 48 -5.20 18.07 -16.25
C ASP C 48 -4.54 19.03 -17.25
N LEU C 49 -5.29 19.38 -18.30
CA LEU C 49 -4.82 20.29 -19.34
C LEU C 49 -3.95 19.58 -20.40
N GLU C 50 -3.27 18.51 -19.99
CA GLU C 50 -2.42 17.75 -20.91
C GLU C 50 -3.23 16.65 -21.59
N MET C 51 -4.22 16.13 -20.86
CA MET C 51 -5.06 15.06 -21.38
C MET C 51 -6.43 15.14 -20.73
N GLU C 52 -7.37 14.36 -21.25
CA GLU C 52 -8.71 14.36 -20.70
C GLU C 52 -9.33 12.98 -20.90
N MET C 53 -10.20 12.61 -19.96
CA MET C 53 -10.89 11.33 -20.01
C MET C 53 -12.38 11.66 -20.00
N VAL C 54 -13.10 11.15 -21.00
CA VAL C 54 -14.52 11.42 -21.11
C VAL C 54 -15.35 10.14 -21.04
N ALA C 55 -16.39 10.16 -20.19
CA ALA C 55 -17.27 9.00 -20.05
C ALA C 55 -18.70 9.44 -20.37
N ARG C 56 -19.44 8.57 -21.04
CA ARG C 56 -20.81 8.88 -21.38
C ARG C 56 -21.71 7.84 -20.74
N VAL C 57 -22.76 8.32 -20.11
CA VAL C 57 -23.71 7.43 -19.45
C VAL C 57 -25.12 7.68 -19.98
N ALA C 58 -25.79 6.60 -20.37
CA ALA C 58 -27.16 6.68 -20.88
C ALA C 58 -28.12 6.99 -19.76
N LEU C 59 -28.99 7.98 -19.98
CA LEU C 59 -29.97 8.39 -19.00
C LEU C 59 -31.33 7.76 -19.34
N VAL C 60 -31.69 6.69 -18.64
CA VAL C 60 -32.94 5.99 -18.90
C VAL C 60 -34.10 6.60 -18.12
N GLN C 61 -33.80 7.52 -17.19
CA GLN C 61 -34.83 8.17 -16.39
C GLN C 61 -34.97 9.64 -16.78
N PRO C 62 -36.10 10.27 -16.39
CA PRO C 62 -36.31 11.68 -16.72
C PRO C 62 -35.11 12.54 -16.37
N HIS C 63 -34.78 13.47 -17.26
CA HIS C 63 -33.62 14.34 -17.06
C HIS C 63 -33.83 15.69 -17.75
N GLU C 64 -32.94 16.62 -17.45
CA GLU C 64 -33.01 17.95 -18.05
C GLU C 64 -31.58 18.34 -18.43
N PRO C 65 -31.42 18.89 -19.64
CA PRO C 65 -30.09 19.29 -20.12
C PRO C 65 -29.44 20.42 -19.33
N GLY C 66 -28.13 20.55 -19.46
CA GLY C 66 -27.38 21.58 -18.77
C GLY C 66 -26.02 21.07 -18.39
N ALA C 67 -25.21 21.93 -17.78
CA ALA C 67 -23.87 21.53 -17.38
C ALA C 67 -23.33 22.37 -16.23
N THR C 68 -22.39 21.78 -15.51
CA THR C 68 -21.71 22.42 -14.40
C THR C 68 -20.47 21.58 -14.09
N THR C 69 -19.69 22.00 -13.08
CA THR C 69 -18.51 21.26 -12.66
C THR C 69 -18.54 21.17 -11.14
N VAL C 70 -18.07 20.05 -10.60
CA VAL C 70 -18.06 19.85 -9.16
C VAL C 70 -16.82 19.10 -8.70
N PRO C 71 -16.47 19.23 -7.40
CA PRO C 71 -15.30 18.53 -6.87
C PRO C 71 -15.40 17.05 -7.20
N ALA C 72 -14.42 16.55 -7.95
CA ALA C 72 -14.38 15.15 -8.36
C ALA C 72 -14.35 14.20 -7.17
N ARG C 73 -13.33 14.35 -6.34
CA ARG C 73 -13.14 13.50 -5.16
C ARG C 73 -14.38 13.43 -4.28
N LYS C 74 -14.86 14.61 -3.85
CA LYS C 74 -16.04 14.67 -2.99
C LYS C 74 -17.27 13.99 -3.59
N PHE C 75 -17.54 14.25 -4.86
CA PHE C 75 -18.70 13.67 -5.53
C PHE C 75 -18.59 12.16 -5.66
N PHE C 76 -17.39 11.67 -5.97
CA PHE C 76 -17.16 10.25 -6.11
C PHE C 76 -17.34 9.53 -4.79
N ASP C 77 -16.76 10.10 -3.73
CA ASP C 77 -16.86 9.50 -2.40
C ASP C 77 -18.30 9.46 -1.92
N ILE C 78 -19.04 10.53 -2.18
CA ILE C 78 -20.45 10.59 -1.79
C ILE C 78 -21.21 9.44 -2.46
N CYS C 79 -21.08 9.32 -3.77
CA CYS C 79 -21.76 8.25 -4.51
C CYS C 79 -21.28 6.88 -4.03
N ARG C 80 -19.98 6.78 -3.78
CA ARG C 80 -19.37 5.54 -3.31
C ARG C 80 -19.88 5.15 -1.93
N GLY C 81 -20.13 6.15 -1.10
CA GLY C 81 -20.60 5.91 0.25
C GLY C 81 -22.07 5.59 0.43
N LEU C 82 -22.88 5.84 -0.60
CA LEU C 82 -24.30 5.53 -0.50
C LEU C 82 -24.44 4.03 -0.62
N PRO C 83 -25.57 3.47 -0.18
CA PRO C 83 -25.80 2.02 -0.26
C PRO C 83 -25.98 1.47 -1.68
N GLU C 84 -25.54 0.23 -1.90
CA GLU C 84 -25.66 -0.41 -3.21
C GLU C 84 -27.07 -0.35 -3.77
N GLY C 85 -27.18 -0.03 -5.05
CA GLY C 85 -28.49 0.05 -5.70
C GLY C 85 -29.20 1.36 -5.43
N ALA C 86 -28.54 2.25 -4.71
CA ALA C 86 -29.13 3.54 -4.37
C ALA C 86 -29.41 4.38 -5.63
N GLU C 87 -30.49 5.15 -5.58
CA GLU C 87 -30.88 6.02 -6.67
C GLU C 87 -30.31 7.39 -6.36
N ILE C 88 -29.53 7.95 -7.28
CA ILE C 88 -28.93 9.25 -7.05
C ILE C 88 -29.52 10.30 -7.98
N ALA C 89 -30.26 11.23 -7.39
CA ALA C 89 -30.88 12.33 -8.12
C ALA C 89 -29.98 13.55 -7.96
N VAL C 90 -29.63 14.18 -9.07
CA VAL C 90 -28.77 15.35 -9.07
C VAL C 90 -29.41 16.53 -9.79
N GLN C 91 -29.31 17.73 -9.20
CA GLN C 91 -29.88 18.92 -9.85
C GLN C 91 -29.04 20.15 -9.50
N LEU C 92 -28.85 21.03 -10.48
CA LEU C 92 -28.08 22.24 -10.26
C LEU C 92 -28.97 23.27 -9.59
N GLU C 93 -28.49 23.85 -8.49
CA GLU C 93 -29.24 24.85 -7.75
C GLU C 93 -28.40 26.09 -7.55
N GLY C 94 -28.26 26.90 -8.60
CA GLY C 94 -27.48 28.11 -8.49
C GLY C 94 -25.98 27.87 -8.46
N GLU C 95 -25.34 28.30 -7.37
CA GLU C 95 -23.90 28.15 -7.23
C GLU C 95 -23.49 26.80 -6.65
N ARG C 96 -24.47 25.91 -6.50
CA ARG C 96 -24.19 24.60 -5.95
C ARG C 96 -25.04 23.50 -6.59
N MET C 97 -24.52 22.28 -6.55
CA MET C 97 -25.21 21.14 -7.12
C MET C 97 -25.75 20.27 -6.00
N LEU C 98 -27.05 20.00 -6.04
CA LEU C 98 -27.67 19.18 -5.02
C LEU C 98 -27.72 17.71 -5.43
N VAL C 99 -27.31 16.85 -4.50
CA VAL C 99 -27.32 15.41 -4.72
C VAL C 99 -28.25 14.81 -3.65
N ARG C 100 -29.22 14.03 -4.08
CA ARG C 100 -30.18 13.42 -3.16
C ARG C 100 -30.30 11.91 -3.36
N SER C 101 -30.39 11.18 -2.27
CA SER C 101 -30.56 9.73 -2.31
C SER C 101 -31.10 9.27 -0.95
N GLY C 102 -32.24 8.58 -0.98
CA GLY C 102 -32.85 8.11 0.26
C GLY C 102 -33.14 9.29 1.17
N ARG C 103 -32.41 9.37 2.29
CA ARG C 103 -32.57 10.47 3.25
C ARG C 103 -31.25 11.20 3.39
N SER C 104 -30.43 11.14 2.34
CA SER C 104 -29.14 11.81 2.35
C SER C 104 -29.17 12.97 1.37
N ARG C 105 -28.66 14.12 1.81
CA ARG C 105 -28.62 15.31 0.98
C ARG C 105 -27.21 15.87 0.96
N PHE C 106 -26.75 16.27 -0.22
CA PHE C 106 -25.43 16.83 -0.36
C PHE C 106 -25.43 18.03 -1.30
N SER C 107 -24.91 19.16 -0.82
CA SER C 107 -24.83 20.36 -1.63
C SER C 107 -23.34 20.61 -1.87
N LEU C 108 -22.93 20.53 -3.14
CA LEU C 108 -21.54 20.73 -3.52
C LEU C 108 -21.32 22.06 -4.25
N SER C 109 -20.17 22.68 -4.02
CA SER C 109 -19.85 23.94 -4.65
C SER C 109 -19.52 23.69 -6.12
N THR C 110 -19.78 24.68 -6.96
CA THR C 110 -19.52 24.51 -8.38
C THR C 110 -18.64 25.59 -8.97
N LEU C 111 -18.25 25.36 -10.21
CA LEU C 111 -17.45 26.29 -10.99
C LEU C 111 -18.07 26.18 -12.38
N PRO C 112 -18.30 27.32 -13.05
CA PRO C 112 -18.88 27.36 -14.38
C PRO C 112 -18.29 26.34 -15.35
N ALA C 113 -19.17 25.57 -15.99
CA ALA C 113 -18.75 24.59 -16.97
C ALA C 113 -18.00 25.34 -18.07
N ALA C 114 -18.45 26.58 -18.32
CA ALA C 114 -17.85 27.42 -19.35
C ALA C 114 -16.37 27.69 -19.09
N ASP C 115 -15.96 27.63 -17.83
CA ASP C 115 -14.58 27.88 -17.49
C ASP C 115 -13.74 26.61 -17.51
N PHE C 116 -14.39 25.46 -17.72
CA PHE C 116 -13.67 24.19 -17.74
C PHE C 116 -12.75 24.10 -18.96
N PRO C 117 -11.47 23.77 -18.73
CA PRO C 117 -10.52 23.65 -19.84
C PRO C 117 -11.13 22.81 -20.97
N ASN C 118 -10.88 23.21 -22.20
CA ASN C 118 -11.44 22.51 -23.33
C ASN C 118 -10.39 22.29 -24.41
N LEU C 119 -9.79 21.10 -24.46
CA LEU C 119 -8.79 20.82 -25.47
C LEU C 119 -9.36 21.20 -26.84
N ASP C 120 -8.61 22.01 -27.58
CA ASP C 120 -9.04 22.46 -28.90
C ASP C 120 -9.21 21.30 -29.86
N ASP C 121 -10.27 21.34 -30.66
CA ASP C 121 -10.52 20.28 -31.61
C ASP C 121 -9.29 20.08 -32.50
N TRP C 122 -9.20 18.90 -33.10
CA TRP C 122 -8.09 18.57 -33.98
C TRP C 122 -8.54 17.52 -34.97
N GLN C 123 -7.66 17.11 -35.86
CA GLN C 123 -8.00 16.12 -36.88
C GLN C 123 -7.09 14.89 -36.85
N SER C 124 -7.68 13.70 -36.92
CA SER C 124 -6.89 12.49 -36.92
C SER C 124 -6.25 12.31 -38.31
N GLU C 125 -5.03 11.79 -38.32
CA GLU C 125 -4.28 11.57 -39.55
C GLU C 125 -4.14 10.06 -39.77
N VAL C 126 -4.18 9.30 -38.69
CA VAL C 126 -4.08 7.85 -38.75
C VAL C 126 -5.08 7.27 -37.78
N GLU C 127 -5.79 6.24 -38.21
CA GLU C 127 -6.78 5.60 -37.36
C GLU C 127 -6.70 4.09 -37.55
N PHE C 128 -7.00 3.35 -36.49
CA PHE C 128 -6.98 1.90 -36.55
C PHE C 128 -7.59 1.31 -35.29
N THR C 129 -8.02 0.06 -35.39
CA THR C 129 -8.62 -0.63 -34.27
C THR C 129 -7.75 -1.82 -33.89
N LEU C 130 -7.79 -2.21 -32.63
CA LEU C 130 -7.01 -3.36 -32.18
C LEU C 130 -7.59 -3.84 -30.86
N PRO C 131 -7.39 -5.13 -30.55
CA PRO C 131 -7.93 -5.67 -29.30
C PRO C 131 -7.22 -5.02 -28.10
N GLN C 132 -7.96 -4.86 -27.00
CA GLN C 132 -7.38 -4.28 -25.81
C GLN C 132 -6.14 -5.04 -25.34
N ALA C 133 -6.18 -6.36 -25.47
CA ALA C 133 -5.06 -7.21 -25.06
C ALA C 133 -3.77 -6.85 -25.81
N THR C 134 -3.89 -6.51 -27.08
CA THR C 134 -2.72 -6.16 -27.87
C THR C 134 -2.13 -4.86 -27.32
N MET C 135 -2.99 -3.87 -27.11
CA MET C 135 -2.56 -2.58 -26.56
C MET C 135 -1.98 -2.79 -25.16
N LYS C 136 -2.61 -3.67 -24.38
CA LYS C 136 -2.14 -3.97 -23.03
C LYS C 136 -0.76 -4.61 -23.08
N ARG C 137 -0.60 -5.58 -23.97
CA ARG C 137 0.68 -6.28 -24.15
C ARG C 137 1.80 -5.29 -24.50
N LEU C 138 1.53 -4.43 -25.47
CA LEU C 138 2.47 -3.43 -25.94
C LEU C 138 2.99 -2.47 -24.88
N ILE C 139 2.10 -2.01 -24.00
CA ILE C 139 2.51 -1.09 -22.96
C ILE C 139 3.25 -1.82 -21.85
N GLU C 140 2.69 -2.93 -21.39
CA GLU C 140 3.33 -3.70 -20.33
C GLU C 140 4.77 -4.10 -20.69
N ALA C 141 4.97 -4.50 -21.94
CA ALA C 141 6.29 -4.93 -22.39
C ALA C 141 7.35 -3.84 -22.40
N THR C 142 6.95 -2.58 -22.31
CA THR C 142 7.93 -1.51 -22.39
C THR C 142 7.85 -0.39 -21.36
N GLN C 143 6.68 -0.25 -20.73
CA GLN C 143 6.46 0.82 -19.77
C GLN C 143 7.56 1.02 -18.73
N PHE C 144 8.04 -0.06 -18.13
CA PHE C 144 9.08 0.03 -17.12
C PHE C 144 10.37 0.71 -17.57
N SER C 145 10.60 0.76 -18.89
CA SER C 145 11.82 1.39 -19.42
C SER C 145 11.71 2.87 -19.69
N MET C 146 10.53 3.45 -19.52
CA MET C 146 10.37 4.89 -19.75
C MET C 146 11.16 5.68 -18.72
N ALA C 147 11.72 6.82 -19.14
CA ALA C 147 12.48 7.66 -18.24
C ALA C 147 11.50 8.32 -17.28
N HIS C 148 12.01 8.76 -16.13
CA HIS C 148 11.21 9.42 -15.10
C HIS C 148 11.67 10.87 -14.92
N GLN C 149 10.84 11.81 -15.31
CA GLN C 149 11.15 13.23 -15.18
C GLN C 149 12.63 13.54 -15.49
N ASP C 150 13.10 13.00 -16.61
CA ASP C 150 14.48 13.21 -17.06
C ASP C 150 14.58 14.53 -17.81
N VAL C 151 15.74 15.18 -17.74
CA VAL C 151 15.95 16.45 -18.42
C VAL C 151 15.70 16.35 -19.92
N ARG C 152 15.97 15.18 -20.50
CA ARG C 152 15.71 14.97 -21.92
C ARG C 152 14.21 14.71 -22.00
N TYR C 153 13.44 15.79 -22.08
CA TYR C 153 11.97 15.70 -22.12
C TYR C 153 11.42 14.64 -23.07
N TYR C 154 12.10 14.45 -24.20
CA TYR C 154 11.66 13.48 -25.20
C TYR C 154 11.76 12.03 -24.74
N LEU C 155 12.28 11.81 -23.53
CA LEU C 155 12.42 10.45 -23.02
C LEU C 155 11.34 10.10 -22.00
N ASN C 156 10.67 11.12 -21.47
CA ASN C 156 9.61 10.92 -20.48
C ASN C 156 8.30 10.55 -21.18
N GLY C 157 8.33 9.45 -21.92
CA GLY C 157 7.15 9.03 -22.64
C GLY C 157 7.38 7.72 -23.35
N MET C 158 6.41 7.33 -24.16
CA MET C 158 6.51 6.09 -24.89
C MET C 158 6.21 6.35 -26.36
N LEU C 159 7.08 5.85 -27.22
CA LEU C 159 6.90 6.00 -28.65
C LEU C 159 5.89 4.97 -29.13
N PHE C 160 4.93 5.42 -29.92
CA PHE C 160 3.92 4.54 -30.51
C PHE C 160 4.17 4.70 -32.01
N GLU C 161 4.62 3.64 -32.65
CA GLU C 161 4.92 3.72 -34.08
C GLU C 161 4.13 2.73 -34.92
N THR C 162 3.60 3.20 -36.05
CA THR C 162 2.88 2.32 -36.97
C THR C 162 3.85 2.07 -38.10
N GLU C 163 3.96 0.83 -38.53
CA GLU C 163 4.87 0.49 -39.63
C GLU C 163 4.41 -0.84 -40.19
N GLY C 164 4.01 -0.82 -41.47
CA GLY C 164 3.53 -2.04 -42.09
C GLY C 164 2.17 -2.37 -41.50
N GLU C 165 2.04 -3.58 -40.95
CA GLU C 165 0.79 -4.00 -40.33
C GLU C 165 1.01 -4.08 -38.82
N GLU C 166 2.07 -3.44 -38.35
CA GLU C 166 2.40 -3.49 -36.94
C GLU C 166 2.32 -2.17 -36.18
N LEU C 167 1.98 -2.31 -34.90
CA LEU C 167 1.95 -1.18 -33.99
C LEU C 167 3.10 -1.52 -33.05
N ARG C 168 3.98 -0.56 -32.81
CA ARG C 168 5.11 -0.82 -31.95
C ARG C 168 5.27 0.26 -30.92
N THR C 169 5.75 -0.13 -29.73
CA THR C 169 6.01 0.82 -28.65
C THR C 169 7.49 0.75 -28.30
N VAL C 170 8.09 1.91 -28.05
CA VAL C 170 9.49 1.94 -27.68
C VAL C 170 9.62 2.82 -26.43
N ALA C 171 10.45 2.37 -25.49
CA ALA C 171 10.66 3.14 -24.25
C ALA C 171 12.12 3.06 -23.83
N THR C 172 12.67 4.18 -23.39
CA THR C 172 14.06 4.21 -22.96
C THR C 172 14.39 5.42 -22.09
N ASP C 173 15.32 5.24 -21.15
CA ASP C 173 15.73 6.31 -20.26
C ASP C 173 17.19 6.63 -20.52
N GLY C 174 17.72 6.08 -21.61
CA GLY C 174 19.11 6.30 -21.97
C GLY C 174 20.04 5.17 -21.56
N HIS C 175 19.73 4.53 -20.44
CA HIS C 175 20.54 3.43 -19.92
C HIS C 175 20.04 2.08 -20.41
N ARG C 176 18.73 1.92 -20.49
CA ARG C 176 18.13 0.67 -20.98
C ARG C 176 16.98 1.02 -21.91
N LEU C 177 16.63 0.09 -22.79
CA LEU C 177 15.54 0.32 -23.73
C LEU C 177 14.69 -0.92 -23.92
N ALA C 178 13.42 -0.70 -24.23
CA ALA C 178 12.49 -1.79 -24.47
C ALA C 178 11.72 -1.47 -25.74
N VAL C 179 11.43 -2.50 -26.53
CA VAL C 179 10.68 -2.32 -27.78
C VAL C 179 9.85 -3.56 -27.98
N CYS C 180 8.62 -3.37 -28.43
CA CYS C 180 7.69 -4.47 -28.67
C CYS C 180 6.83 -4.17 -29.90
N SER C 181 6.62 -5.17 -30.75
CA SER C 181 5.81 -5.01 -31.96
C SER C 181 4.72 -6.06 -32.02
N MET C 182 3.55 -5.64 -32.48
CA MET C 182 2.39 -6.52 -32.62
C MET C 182 1.67 -6.18 -33.91
N PRO C 183 1.35 -7.20 -34.72
CA PRO C 183 0.65 -6.96 -35.98
C PRO C 183 -0.82 -6.75 -35.70
N ILE C 184 -1.42 -5.74 -36.32
CA ILE C 184 -2.84 -5.48 -36.09
C ILE C 184 -3.66 -5.72 -37.35
N GLY C 185 -3.12 -6.54 -38.24
CA GLY C 185 -3.79 -6.89 -39.48
C GLY C 185 -4.35 -5.75 -40.31
N GLN C 186 -3.60 -4.66 -40.42
CA GLN C 186 -4.04 -3.50 -41.20
C GLN C 186 -2.85 -2.74 -41.76
N SER C 187 -2.88 -2.49 -43.07
CA SER C 187 -1.80 -1.75 -43.70
C SER C 187 -1.92 -0.33 -43.17
N LEU C 188 -0.90 0.12 -42.46
CA LEU C 188 -0.91 1.45 -41.86
C LEU C 188 0.16 2.35 -42.46
N PRO C 189 -0.06 3.67 -42.44
CA PRO C 189 0.95 4.58 -42.98
C PRO C 189 2.04 4.62 -41.92
N SER C 190 3.27 4.92 -42.31
CA SER C 190 4.36 4.97 -41.33
C SER C 190 4.22 6.24 -40.51
N HIS C 191 4.06 6.09 -39.20
CA HIS C 191 3.88 7.24 -38.34
C HIS C 191 4.49 6.97 -36.95
N SER C 192 5.01 8.01 -36.31
CA SER C 192 5.62 7.89 -34.98
C SER C 192 5.26 9.08 -34.11
N VAL C 193 4.85 8.82 -32.87
CA VAL C 193 4.53 9.89 -31.93
C VAL C 193 4.94 9.49 -30.52
N ILE C 194 5.19 10.48 -29.67
CA ILE C 194 5.55 10.20 -28.28
C ILE C 194 4.35 10.52 -27.39
N VAL C 195 3.91 9.54 -26.61
CA VAL C 195 2.79 9.76 -25.70
C VAL C 195 3.39 10.01 -24.31
N PRO C 196 3.04 11.14 -23.66
CA PRO C 196 3.58 11.43 -22.33
C PRO C 196 3.32 10.30 -21.34
N ARG C 197 4.26 10.11 -20.42
CA ARG C 197 4.16 9.03 -19.43
C ARG C 197 2.82 8.97 -18.70
N LYS C 198 2.27 10.12 -18.33
CA LYS C 198 0.99 10.14 -17.63
C LYS C 198 -0.11 9.64 -18.58
N GLY C 199 0.05 9.91 -19.87
CA GLY C 199 -0.90 9.48 -20.86
C GLY C 199 -0.85 7.97 -21.05
N VAL C 200 0.36 7.41 -21.07
CA VAL C 200 0.51 5.97 -21.22
C VAL C 200 -0.16 5.30 -20.02
N ILE C 201 0.00 5.91 -18.85
CA ILE C 201 -0.59 5.38 -17.62
C ILE C 201 -2.10 5.37 -17.71
N GLU C 202 -2.68 6.48 -18.15
CA GLU C 202 -4.14 6.57 -18.30
C GLU C 202 -4.65 5.56 -19.32
N LEU C 203 -3.94 5.47 -20.44
CA LEU C 203 -4.30 4.55 -21.50
C LEU C 203 -4.41 3.12 -20.97
N MET C 204 -3.40 2.71 -20.20
CA MET C 204 -3.37 1.38 -19.62
C MET C 204 -4.53 1.18 -18.64
N ARG C 205 -4.83 2.21 -17.85
CA ARG C 205 -5.91 2.14 -16.88
C ARG C 205 -7.31 2.09 -17.46
N MET C 206 -7.46 2.46 -18.73
CA MET C 206 -8.79 2.45 -19.34
C MET C 206 -9.12 1.11 -19.99
N LEU C 207 -8.15 0.20 -19.99
CA LEU C 207 -8.37 -1.13 -20.55
C LEU C 207 -8.97 -2.04 -19.47
N ASP C 208 -10.21 -2.46 -19.67
CA ASP C 208 -10.88 -3.32 -18.70
C ASP C 208 -10.67 -4.80 -18.97
N GLY C 209 -9.72 -5.11 -19.85
CA GLY C 209 -9.43 -6.49 -20.18
C GLY C 209 -10.58 -7.25 -20.82
N GLY C 210 -11.47 -6.52 -21.51
CA GLY C 210 -12.60 -7.16 -22.14
C GLY C 210 -12.35 -7.44 -23.62
N ASP C 211 -13.42 -7.80 -24.34
CA ASP C 211 -13.31 -8.09 -25.76
C ASP C 211 -13.58 -6.87 -26.60
N ASN C 212 -14.14 -5.83 -25.99
CA ASN C 212 -14.43 -4.59 -26.69
C ASN C 212 -13.14 -4.07 -27.31
N PRO C 213 -13.15 -3.84 -28.62
CA PRO C 213 -11.96 -3.34 -29.31
C PRO C 213 -11.59 -1.94 -28.87
N LEU C 214 -10.37 -1.54 -29.21
CA LEU C 214 -9.88 -0.21 -28.90
C LEU C 214 -9.78 0.51 -30.24
N ARG C 215 -10.36 1.70 -30.31
CA ARG C 215 -10.29 2.51 -31.52
C ARG C 215 -9.29 3.64 -31.24
N VAL C 216 -8.24 3.71 -32.03
CA VAL C 216 -7.20 4.72 -31.86
C VAL C 216 -7.12 5.69 -33.03
N GLN C 217 -6.97 6.97 -32.70
CA GLN C 217 -6.84 8.03 -33.69
C GLN C 217 -5.62 8.85 -33.29
N ILE C 218 -4.74 9.12 -34.26
CA ILE C 218 -3.53 9.88 -34.01
C ILE C 218 -3.48 11.13 -34.88
N GLY C 219 -3.32 12.30 -34.24
CA GLY C 219 -3.23 13.54 -34.98
C GLY C 219 -1.80 14.04 -34.93
N SER C 220 -1.55 15.21 -35.53
CA SER C 220 -0.21 15.78 -35.55
C SER C 220 0.27 16.08 -34.13
N ASN C 221 -0.65 16.48 -33.26
CA ASN C 221 -0.30 16.82 -31.89
C ASN C 221 -1.15 16.12 -30.82
N ASN C 222 -1.90 15.10 -31.21
CA ASN C 222 -2.72 14.39 -30.23
C ASN C 222 -2.95 12.92 -30.55
N ILE C 223 -3.39 12.17 -29.54
CA ILE C 223 -3.72 10.77 -29.71
C ILE C 223 -5.03 10.59 -28.94
N ARG C 224 -5.94 9.80 -29.50
CA ARG C 224 -7.21 9.56 -28.86
C ARG C 224 -7.51 8.07 -28.89
N ALA C 225 -8.06 7.54 -27.79
CA ALA C 225 -8.41 6.13 -27.73
C ALA C 225 -9.85 6.00 -27.24
N HIS C 226 -10.66 5.25 -27.97
CA HIS C 226 -12.05 5.01 -27.61
C HIS C 226 -12.25 3.54 -27.25
N VAL C 227 -12.80 3.28 -26.07
CA VAL C 227 -13.09 1.91 -25.63
C VAL C 227 -14.41 1.93 -24.86
N GLY C 228 -15.34 1.09 -25.28
CA GLY C 228 -16.62 1.08 -24.60
C GLY C 228 -17.18 2.49 -24.63
N ASP C 229 -17.55 3.01 -23.47
CA ASP C 229 -18.11 4.35 -23.41
C ASP C 229 -17.15 5.39 -22.86
N PHE C 230 -15.86 5.18 -23.11
CA PHE C 230 -14.83 6.10 -22.65
C PHE C 230 -14.01 6.59 -23.82
N ILE C 231 -13.61 7.87 -23.77
CA ILE C 231 -12.80 8.48 -24.81
C ILE C 231 -11.65 9.19 -24.13
N PHE C 232 -10.44 8.72 -24.36
CA PHE C 232 -9.25 9.32 -23.77
C PHE C 232 -8.49 10.09 -24.84
N THR C 233 -8.03 11.29 -24.48
CA THR C 233 -7.30 12.12 -25.42
C THR C 233 -6.12 12.77 -24.72
N SER C 234 -4.96 12.71 -25.35
CA SER C 234 -3.76 13.30 -24.76
C SER C 234 -2.95 14.04 -25.82
N LYS C 235 -2.24 15.07 -25.37
CA LYS C 235 -1.37 15.81 -26.26
C LYS C 235 -0.15 14.94 -26.39
N LEU C 236 0.66 15.20 -27.40
CA LEU C 236 1.86 14.41 -27.62
C LEU C 236 3.11 15.18 -27.21
N VAL C 237 4.19 14.46 -26.94
CA VAL C 237 5.44 15.12 -26.59
C VAL C 237 6.08 15.57 -27.90
N ASP C 238 6.34 16.86 -28.02
CA ASP C 238 6.94 17.43 -29.22
C ASP C 238 8.45 17.26 -29.17
N GLY C 239 8.95 16.19 -29.79
CA GLY C 239 10.38 15.94 -29.80
C GLY C 239 10.76 14.78 -30.69
N ARG C 240 12.03 14.40 -30.68
CA ARG C 240 12.51 13.30 -31.50
C ARG C 240 12.98 12.15 -30.61
N PHE C 241 12.35 10.99 -30.78
CA PHE C 241 12.64 9.81 -29.97
C PHE C 241 13.77 8.94 -30.53
N PRO C 242 14.51 8.25 -29.65
CA PRO C 242 15.58 7.40 -30.17
C PRO C 242 15.06 6.29 -31.10
N ASP C 243 15.91 5.93 -32.05
CA ASP C 243 15.61 4.91 -33.05
C ASP C 243 16.06 3.56 -32.51
N TYR C 244 15.14 2.73 -32.04
CA TYR C 244 15.52 1.43 -31.49
C TYR C 244 16.42 0.64 -32.45
N ARG C 245 16.22 0.84 -33.75
CA ARG C 245 17.03 0.15 -34.76
C ARG C 245 18.52 0.47 -34.61
N ARG C 246 18.84 1.65 -34.09
CA ARG C 246 20.24 2.03 -33.89
C ARG C 246 20.72 1.76 -32.47
N VAL C 247 19.81 1.37 -31.58
CA VAL C 247 20.17 1.08 -30.19
C VAL C 247 20.56 -0.39 -30.03
N LEU C 248 19.88 -1.26 -30.77
CA LEU C 248 20.19 -2.68 -30.69
C LEU C 248 21.67 -2.91 -31.01
N PRO C 249 22.36 -3.74 -30.22
CA PRO C 249 23.77 -3.95 -30.53
C PRO C 249 23.96 -4.47 -31.96
N LYS C 250 25.01 -3.97 -32.62
CA LYS C 250 25.30 -4.32 -34.00
C LYS C 250 25.79 -5.76 -34.17
N ASN C 251 26.74 -6.18 -33.33
CA ASN C 251 27.29 -7.53 -33.44
C ASN C 251 27.30 -8.37 -32.17
N PRO C 252 26.10 -8.76 -31.68
CA PRO C 252 26.00 -9.57 -30.46
C PRO C 252 26.07 -11.07 -30.80
N ASP C 253 27.23 -11.54 -31.25
CA ASP C 253 27.39 -12.94 -31.63
C ASP C 253 27.34 -13.96 -30.50
N LYS C 254 27.76 -13.55 -29.31
CA LYS C 254 27.76 -14.45 -28.17
C LYS C 254 26.34 -14.63 -27.63
N HIS C 255 25.77 -15.80 -27.82
CA HIS C 255 24.40 -16.10 -27.39
C HIS C 255 24.33 -17.00 -26.17
N LEU C 256 23.65 -16.53 -25.12
CA LEU C 256 23.45 -17.32 -23.90
C LEU C 256 21.97 -17.50 -23.68
N GLU C 257 21.55 -18.73 -23.41
CA GLU C 257 20.13 -19.03 -23.16
C GLU C 257 19.99 -19.72 -21.82
N ALA C 258 18.97 -19.33 -21.05
CA ALA C 258 18.75 -19.92 -19.74
C ALA C 258 17.29 -19.77 -19.31
N GLY C 259 16.88 -20.61 -18.37
CA GLY C 259 15.51 -20.54 -17.87
C GLY C 259 15.27 -19.17 -17.25
N CYS C 260 14.18 -18.52 -17.64
CA CYS C 260 13.86 -17.18 -17.14
C CYS C 260 13.78 -17.03 -15.63
N ASP C 261 12.99 -17.88 -14.98
CA ASP C 261 12.82 -17.78 -13.53
C ASP C 261 14.09 -18.10 -12.74
N LEU C 262 14.81 -19.16 -13.11
CA LEU C 262 16.03 -19.49 -12.40
C LEU C 262 17.01 -18.33 -12.53
N LEU C 263 17.03 -17.73 -13.71
CA LEU C 263 17.91 -16.61 -13.99
C LEU C 263 17.50 -15.39 -13.16
N LYS C 264 16.19 -15.17 -13.05
CA LYS C 264 15.66 -14.03 -12.30
C LYS C 264 15.88 -14.20 -10.80
N GLN C 265 15.65 -15.40 -10.29
CA GLN C 265 15.84 -15.66 -8.87
C GLN C 265 17.32 -15.50 -8.48
N ALA C 266 18.24 -15.88 -9.37
CA ALA C 266 19.66 -15.76 -9.09
C ALA C 266 20.03 -14.28 -9.01
N PHE C 267 19.59 -13.48 -9.97
CA PHE C 267 19.89 -12.05 -9.94
C PHE C 267 19.25 -11.40 -8.73
N ALA C 268 18.01 -11.81 -8.41
CA ALA C 268 17.29 -11.24 -7.29
C ALA C 268 18.05 -11.46 -5.98
N ARG C 269 18.57 -12.66 -5.77
CA ARG C 269 19.34 -12.95 -4.55
C ARG C 269 20.68 -12.22 -4.53
N ALA C 270 21.39 -12.24 -5.66
CA ALA C 270 22.69 -11.57 -5.75
C ALA C 270 22.55 -10.05 -5.54
N ALA C 271 21.46 -9.47 -6.03
CA ALA C 271 21.23 -8.03 -5.90
C ALA C 271 21.18 -7.56 -4.45
N ILE C 272 20.80 -8.47 -3.56
CA ILE C 272 20.71 -8.14 -2.13
C ILE C 272 22.03 -7.55 -1.64
N LEU C 273 23.15 -8.08 -2.15
CA LEU C 273 24.45 -7.59 -1.71
C LEU C 273 25.16 -6.67 -2.71
N SER C 274 24.38 -6.02 -3.57
CA SER C 274 24.96 -5.11 -4.55
C SER C 274 24.86 -3.70 -3.98
N ASN C 275 25.67 -2.78 -4.51
CA ASN C 275 25.64 -1.39 -4.06
C ASN C 275 24.19 -0.91 -4.16
N GLU C 276 23.67 -0.34 -3.08
CA GLU C 276 22.29 0.13 -3.06
C GLU C 276 22.02 1.22 -4.10
N LYS C 277 23.04 2.01 -4.40
CA LYS C 277 22.91 3.09 -5.36
C LYS C 277 23.14 2.63 -6.79
N PHE C 278 24.35 2.17 -7.08
CA PHE C 278 24.73 1.72 -8.41
C PHE C 278 24.13 0.37 -8.82
N ARG C 279 23.88 -0.47 -7.83
CA ARG C 279 23.27 -1.78 -8.06
C ARG C 279 23.98 -2.68 -9.07
N GLY C 280 25.28 -2.49 -9.23
CA GLY C 280 26.03 -3.29 -10.16
C GLY C 280 26.30 -4.72 -9.76
N VAL C 281 26.18 -5.62 -10.73
CA VAL C 281 26.46 -7.03 -10.52
C VAL C 281 27.42 -7.44 -11.64
N ARG C 282 28.25 -8.43 -11.36
CA ARG C 282 29.22 -8.90 -12.32
C ARG C 282 28.80 -10.27 -12.87
N LEU C 283 28.89 -10.42 -14.18
CA LEU C 283 28.53 -11.67 -14.82
C LEU C 283 29.77 -12.27 -15.46
N TYR C 284 30.00 -13.56 -15.25
CA TYR C 284 31.13 -14.21 -15.88
C TYR C 284 30.54 -15.34 -16.69
N VAL C 285 30.64 -15.26 -18.01
CA VAL C 285 30.09 -16.31 -18.86
C VAL C 285 31.21 -17.20 -19.35
N SER C 286 30.95 -18.51 -19.30
CA SER C 286 31.90 -19.52 -19.73
C SER C 286 31.08 -20.69 -20.25
N GLU C 287 31.76 -21.68 -20.80
CA GLU C 287 31.11 -22.88 -21.35
C GLU C 287 29.90 -23.35 -20.54
N ASN C 288 28.71 -23.12 -21.08
CA ASN C 288 27.47 -23.54 -20.43
C ASN C 288 27.32 -23.17 -18.96
N GLN C 289 27.95 -22.09 -18.54
CA GLN C 289 27.84 -21.66 -17.15
C GLN C 289 27.85 -20.16 -17.00
N LEU C 290 27.09 -19.67 -16.04
CA LEU C 290 27.03 -18.25 -15.76
C LEU C 290 27.27 -18.06 -14.26
N LYS C 291 28.20 -17.16 -13.96
CA LYS C 291 28.56 -16.82 -12.60
C LYS C 291 28.17 -15.39 -12.34
N ILE C 292 27.25 -15.18 -11.41
CA ILE C 292 26.80 -13.83 -11.06
C ILE C 292 27.34 -13.47 -9.69
N THR C 293 28.07 -12.37 -9.63
CA THR C 293 28.63 -11.94 -8.36
C THR C 293 28.21 -10.51 -8.04
N ALA C 294 28.10 -10.23 -6.75
CA ALA C 294 27.73 -8.90 -6.29
C ALA C 294 28.54 -8.52 -5.05
N ASN C 295 29.01 -7.29 -5.01
CA ASN C 295 29.76 -6.80 -3.86
C ASN C 295 29.26 -5.41 -3.52
N ASN C 296 29.36 -5.02 -2.26
CA ASN C 296 28.91 -3.70 -1.87
C ASN C 296 30.01 -2.98 -1.09
N PRO C 297 29.75 -1.75 -0.61
CA PRO C 297 30.81 -1.06 0.14
C PRO C 297 31.20 -1.80 1.42
N GLU C 298 30.25 -2.53 2.02
CA GLU C 298 30.51 -3.28 3.25
C GLU C 298 31.41 -4.46 2.97
N GLN C 299 31.74 -4.67 1.71
CA GLN C 299 32.58 -5.79 1.29
C GLN C 299 31.86 -7.13 1.48
N GLU C 300 30.54 -7.09 1.41
CA GLU C 300 29.76 -8.32 1.51
C GLU C 300 29.79 -8.89 0.09
N GLU C 301 29.51 -10.18 -0.06
CA GLU C 301 29.59 -10.76 -1.38
C GLU C 301 28.58 -11.85 -1.64
N ALA C 302 27.95 -11.79 -2.81
CA ALA C 302 26.99 -12.79 -3.21
C ALA C 302 27.52 -13.46 -4.48
N GLU C 303 27.34 -14.77 -4.58
CA GLU C 303 27.76 -15.50 -5.76
C GLU C 303 26.70 -16.53 -6.11
N GLU C 304 26.32 -16.56 -7.38
CA GLU C 304 25.33 -17.51 -7.87
C GLU C 304 25.92 -18.24 -9.06
N ILE C 305 25.81 -19.57 -9.08
CA ILE C 305 26.29 -20.37 -10.20
C ILE C 305 25.08 -21.06 -10.81
N LEU C 306 24.94 -21.00 -12.13
CA LEU C 306 23.83 -21.68 -12.76
C LEU C 306 24.21 -22.24 -14.13
N ASP C 307 23.52 -23.31 -14.50
CA ASP C 307 23.73 -23.99 -15.78
C ASP C 307 22.97 -23.25 -16.86
N VAL C 308 23.65 -22.92 -17.95
CA VAL C 308 23.01 -22.24 -19.08
C VAL C 308 23.55 -22.83 -20.37
N THR C 309 23.06 -22.33 -21.50
CA THR C 309 23.53 -22.81 -22.79
C THR C 309 24.40 -21.72 -23.38
N TYR C 310 25.70 -22.00 -23.47
CA TYR C 310 26.65 -21.03 -24.01
C TYR C 310 27.90 -21.71 -24.53
N SER C 311 28.27 -21.39 -25.77
CA SER C 311 29.44 -21.98 -26.41
C SER C 311 30.47 -20.98 -26.89
N GLY C 312 30.34 -19.71 -26.50
CA GLY C 312 31.29 -18.71 -26.96
C GLY C 312 32.50 -18.46 -26.07
N ALA C 313 33.27 -17.44 -26.44
CA ALA C 313 34.46 -17.07 -25.69
C ALA C 313 34.08 -16.54 -24.31
N GLU C 314 34.88 -16.85 -23.30
CA GLU C 314 34.60 -16.39 -21.95
C GLU C 314 34.72 -14.86 -21.90
N MET C 315 33.91 -14.25 -21.04
CA MET C 315 33.94 -12.81 -20.89
C MET C 315 33.27 -12.40 -19.59
N GLU C 316 33.64 -11.23 -19.09
CA GLU C 316 33.08 -10.70 -17.86
C GLU C 316 32.47 -9.34 -18.18
N ILE C 317 31.33 -9.06 -17.60
CA ILE C 317 30.66 -7.79 -17.87
C ILE C 317 29.78 -7.40 -16.69
N GLY C 318 29.68 -6.09 -16.44
CA GLY C 318 28.86 -5.62 -15.34
C GLY C 318 27.58 -4.94 -15.79
N PHE C 319 26.50 -5.16 -15.02
CA PHE C 319 25.20 -4.58 -15.31
C PHE C 319 24.46 -4.15 -14.05
N ASN C 320 23.66 -3.10 -14.20
CA ASN C 320 22.83 -2.60 -13.11
C ASN C 320 21.81 -3.72 -12.98
N VAL C 321 21.78 -4.41 -11.85
CA VAL C 321 20.88 -5.54 -11.65
C VAL C 321 19.37 -5.21 -11.69
N SER C 322 19.01 -3.99 -11.33
CA SER C 322 17.60 -3.63 -11.38
C SER C 322 17.14 -3.60 -12.84
N TYR C 323 18.01 -3.11 -13.74
CA TYR C 323 17.67 -3.07 -15.16
C TYR C 323 17.48 -4.48 -15.67
N VAL C 324 18.34 -5.40 -15.23
CA VAL C 324 18.25 -6.78 -15.68
C VAL C 324 16.99 -7.45 -15.15
N LEU C 325 16.71 -7.24 -13.87
CA LEU C 325 15.53 -7.82 -13.23
C LEU C 325 14.23 -7.30 -13.85
N ASP C 326 14.18 -6.01 -14.20
CA ASP C 326 12.97 -5.44 -14.79
C ASP C 326 12.63 -6.18 -16.08
N VAL C 327 13.66 -6.46 -16.88
CA VAL C 327 13.49 -7.16 -18.13
C VAL C 327 12.98 -8.58 -17.89
N LEU C 328 13.63 -9.31 -16.99
CA LEU C 328 13.22 -10.69 -16.71
C LEU C 328 11.80 -10.74 -16.15
N ASN C 329 11.44 -9.72 -15.38
CA ASN C 329 10.10 -9.66 -14.79
C ASN C 329 9.05 -9.42 -15.88
N ALA C 330 9.39 -8.60 -16.85
CA ALA C 330 8.49 -8.28 -17.95
C ALA C 330 8.29 -9.43 -18.94
N LEU C 331 9.36 -10.19 -19.19
CA LEU C 331 9.29 -11.30 -20.13
C LEU C 331 8.25 -12.35 -19.76
N LYS C 332 8.36 -12.88 -18.54
CA LYS C 332 7.39 -13.88 -18.07
C LYS C 332 7.32 -15.09 -19.01
N CYS C 333 8.46 -15.52 -19.54
CA CYS C 333 8.49 -16.66 -20.43
C CYS C 333 9.21 -17.85 -19.83
N GLU C 334 9.47 -18.87 -20.65
CA GLU C 334 10.15 -20.08 -20.23
C GLU C 334 11.64 -19.87 -20.15
N ASN C 335 12.24 -19.51 -21.28
CA ASN C 335 13.67 -19.28 -21.32
C ASN C 335 13.98 -17.96 -22.01
N VAL C 336 15.07 -17.32 -21.61
CA VAL C 336 15.47 -16.06 -22.21
C VAL C 336 16.81 -16.24 -22.92
N ARG C 337 17.10 -15.32 -23.82
CA ARG C 337 18.34 -15.34 -24.58
C ARG C 337 19.04 -14.00 -24.35
N MET C 338 20.31 -14.07 -23.97
CA MET C 338 21.10 -12.87 -23.76
C MET C 338 22.13 -12.86 -24.88
N MET C 339 22.24 -11.75 -25.58
CA MET C 339 23.18 -11.63 -26.69
C MET C 339 24.22 -10.57 -26.33
N LEU C 340 25.47 -11.01 -26.20
CA LEU C 340 26.55 -10.11 -25.84
C LEU C 340 27.58 -9.94 -26.96
N THR C 341 28.43 -8.93 -26.79
CA THR C 341 29.49 -8.62 -27.74
C THR C 341 30.83 -8.64 -26.99
N ASP C 342 30.95 -7.73 -26.03
CA ASP C 342 32.16 -7.63 -25.21
C ASP C 342 31.84 -6.91 -23.90
N SER C 343 32.84 -6.77 -23.04
CA SER C 343 32.68 -6.12 -21.73
C SER C 343 32.23 -4.67 -21.76
N VAL C 344 32.54 -3.95 -22.84
CA VAL C 344 32.15 -2.55 -22.92
C VAL C 344 30.96 -2.30 -23.83
N SER C 345 30.24 -3.36 -24.19
CA SER C 345 29.08 -3.23 -25.06
C SER C 345 27.79 -3.65 -24.36
N SER C 346 26.68 -3.07 -24.79
CA SER C 346 25.37 -3.37 -24.24
C SER C 346 24.97 -4.80 -24.55
N VAL C 347 23.97 -5.30 -23.83
CA VAL C 347 23.48 -6.65 -24.06
C VAL C 347 22.03 -6.55 -24.50
N GLN C 348 21.63 -7.47 -25.37
CA GLN C 348 20.25 -7.49 -25.83
C GLN C 348 19.62 -8.72 -25.20
N ILE C 349 18.43 -8.54 -24.63
CA ILE C 349 17.73 -9.66 -24.01
C ILE C 349 16.40 -9.84 -24.69
N GLU C 350 16.02 -11.09 -24.94
CA GLU C 350 14.76 -11.41 -25.59
C GLU C 350 14.23 -12.72 -25.06
N ASP C 351 12.96 -12.96 -25.30
CA ASP C 351 12.34 -14.22 -24.92
C ASP C 351 13.07 -15.16 -25.90
N ALA C 352 13.50 -16.33 -25.43
CA ALA C 352 14.20 -17.26 -26.32
C ALA C 352 13.28 -17.72 -27.45
N ALA C 353 11.98 -17.77 -27.18
CA ALA C 353 11.00 -18.21 -28.17
C ALA C 353 10.21 -17.10 -28.85
N SER C 354 10.70 -15.85 -28.76
CA SER C 354 10.00 -14.74 -29.39
C SER C 354 10.87 -13.50 -29.59
N GLN C 355 10.83 -12.95 -30.80
CA GLN C 355 11.61 -11.76 -31.09
C GLN C 355 10.66 -10.57 -31.23
N SER C 356 9.44 -10.73 -30.71
CA SER C 356 8.43 -9.68 -30.77
C SER C 356 8.87 -8.50 -29.92
N ALA C 357 9.59 -8.80 -28.85
CA ALA C 357 10.08 -7.77 -27.95
C ALA C 357 11.58 -7.92 -27.77
N ALA C 358 12.26 -6.79 -27.66
CA ALA C 358 13.71 -6.79 -27.48
C ALA C 358 14.04 -5.82 -26.35
N TYR C 359 15.09 -6.13 -25.60
CA TYR C 359 15.54 -5.30 -24.51
C TYR C 359 17.04 -5.07 -24.62
N VAL C 360 17.46 -3.83 -24.43
CA VAL C 360 18.88 -3.50 -24.51
C VAL C 360 19.28 -2.80 -23.21
N VAL C 361 20.42 -3.19 -22.65
CA VAL C 361 20.87 -2.55 -21.43
C VAL C 361 22.36 -2.30 -21.52
N MET C 362 22.76 -1.09 -21.15
CA MET C 362 24.17 -0.72 -21.18
C MET C 362 24.92 -1.35 -20.02
N PRO C 363 26.21 -1.64 -20.22
CA PRO C 363 27.05 -2.25 -19.18
C PRO C 363 27.57 -1.20 -18.21
N MET C 364 28.15 -1.68 -17.12
CA MET C 364 28.72 -0.81 -16.09
C MET C 364 30.23 -1.02 -16.01
N ARG C 365 30.95 0.05 -15.72
CA ARG C 365 32.40 -0.01 -15.63
C ARG C 365 32.87 -0.82 -14.41
N LEU C 366 33.92 -1.61 -14.62
CA LEU C 366 34.47 -2.46 -13.56
C LEU C 366 35.28 -1.62 -12.56
N MET D 1 30.47 -20.94 15.31
CA MET D 1 29.00 -21.14 15.22
C MET D 1 28.64 -21.71 13.86
N LYS D 2 27.79 -22.74 13.88
CA LYS D 2 27.39 -23.39 12.65
C LYS D 2 26.04 -24.08 12.78
N PHE D 3 25.28 -24.06 11.71
CA PHE D 3 23.99 -24.74 11.69
C PHE D 3 23.47 -24.85 10.26
N THR D 4 22.64 -25.87 10.03
CA THR D 4 22.05 -26.09 8.72
C THR D 4 20.56 -26.32 8.98
N VAL D 5 19.72 -25.47 8.41
CA VAL D 5 18.28 -25.60 8.63
C VAL D 5 17.49 -25.43 7.34
N GLU D 6 16.31 -26.06 7.29
CA GLU D 6 15.45 -25.95 6.13
C GLU D 6 14.90 -24.53 6.07
N ARG D 7 14.83 -23.98 4.87
CA ARG D 7 14.31 -22.64 4.65
C ARG D 7 12.98 -22.39 5.36
N GLU D 8 12.04 -23.33 5.22
CA GLU D 8 10.73 -23.17 5.84
C GLU D 8 10.70 -23.11 7.37
N HIS D 9 11.71 -23.69 8.02
CA HIS D 9 11.78 -23.68 9.48
C HIS D 9 12.46 -22.42 9.99
N LEU D 10 12.96 -21.62 9.05
CA LEU D 10 13.67 -20.40 9.38
C LEU D 10 12.89 -19.14 9.00
N LEU D 11 12.12 -19.22 7.92
CA LEU D 11 11.37 -18.06 7.45
C LEU D 11 10.39 -17.44 8.44
N LYS D 12 9.57 -18.28 9.06
CA LYS D 12 8.58 -17.80 10.03
C LYS D 12 9.25 -17.03 11.16
N PRO D 13 10.22 -17.66 11.84
CA PRO D 13 10.93 -17.02 12.95
C PRO D 13 11.60 -15.70 12.54
N LEU D 14 12.24 -15.69 11.37
CA LEU D 14 12.89 -14.48 10.89
C LEU D 14 11.93 -13.30 10.80
N GLN D 15 10.75 -13.54 10.25
CA GLN D 15 9.74 -12.50 10.12
C GLN D 15 9.30 -12.00 11.48
N GLN D 16 9.09 -12.93 12.41
CA GLN D 16 8.65 -12.57 13.76
C GLN D 16 9.63 -11.64 14.46
N VAL D 17 10.92 -11.99 14.46
CA VAL D 17 11.90 -11.15 15.15
C VAL D 17 12.26 -9.88 14.39
N SER D 18 11.99 -9.85 13.09
CA SER D 18 12.26 -8.65 12.30
C SER D 18 11.07 -7.68 12.43
N GLY D 19 10.31 -7.83 13.52
CA GLY D 19 9.17 -6.97 13.74
C GLY D 19 9.51 -5.61 14.32
N PRO D 20 10.21 -5.55 15.46
CA PRO D 20 10.59 -4.29 16.11
C PRO D 20 11.55 -3.44 15.27
N LEU D 21 12.26 -4.09 14.36
CA LEU D 21 13.24 -3.41 13.51
C LEU D 21 12.64 -2.39 12.55
N GLY D 22 11.94 -2.89 11.54
CA GLY D 22 11.37 -2.00 10.55
C GLY D 22 12.44 -1.58 9.56
N GLY D 23 12.54 -0.27 9.32
CA GLY D 23 13.55 0.24 8.40
C GLY D 23 14.36 1.34 9.03
N ARG D 24 15.54 1.60 8.48
CA ARG D 24 16.43 2.65 8.99
C ARG D 24 16.55 2.66 10.52
N PRO D 25 17.43 1.82 11.07
CA PRO D 25 17.61 1.77 12.53
C PRO D 25 18.24 3.09 13.01
N THR D 26 18.09 3.41 14.28
CA THR D 26 18.69 4.65 14.81
C THR D 26 20.15 4.39 15.16
N LEU D 27 20.46 3.13 15.46
CA LEU D 27 21.81 2.70 15.82
C LEU D 27 22.07 1.51 14.91
N PRO D 28 23.23 1.47 14.24
CA PRO D 28 23.56 0.37 13.33
C PRO D 28 23.23 -1.07 13.74
N ILE D 29 23.69 -1.50 14.92
CA ILE D 29 23.43 -2.87 15.34
C ILE D 29 21.94 -3.23 15.49
N LEU D 30 21.10 -2.22 15.68
CA LEU D 30 19.67 -2.47 15.82
C LEU D 30 19.09 -3.02 14.52
N GLY D 31 19.85 -2.86 13.43
CA GLY D 31 19.44 -3.35 12.14
C GLY D 31 19.90 -4.80 11.93
N ASN D 32 20.60 -5.33 12.92
CA ASN D 32 21.10 -6.69 12.87
C ASN D 32 20.28 -7.59 13.79
N LEU D 33 20.35 -8.89 13.52
CA LEU D 33 19.69 -9.90 14.34
C LEU D 33 20.78 -10.65 15.10
N LEU D 34 20.53 -10.95 16.36
CA LEU D 34 21.47 -11.71 17.17
C LEU D 34 21.20 -13.18 16.90
N LEU D 35 22.24 -13.94 16.54
CA LEU D 35 22.10 -15.37 16.29
C LEU D 35 22.92 -16.13 17.32
N GLN D 36 22.27 -17.03 18.04
CA GLN D 36 22.95 -17.82 19.08
C GLN D 36 22.64 -19.30 18.94
N VAL D 37 23.70 -20.12 18.93
CA VAL D 37 23.54 -21.57 18.87
C VAL D 37 24.07 -22.07 20.20
N ALA D 38 23.21 -22.69 20.98
CA ALA D 38 23.58 -23.24 22.27
C ALA D 38 22.71 -24.48 22.43
N ASP D 39 23.31 -25.59 22.84
CA ASP D 39 22.55 -26.81 22.99
C ASP D 39 22.08 -27.17 21.57
N GLY D 40 20.86 -27.66 21.42
CA GLY D 40 20.38 -27.98 20.09
C GLY D 40 19.38 -26.93 19.66
N THR D 41 19.64 -25.70 20.06
CA THR D 41 18.72 -24.60 19.74
C THR D 41 19.36 -23.39 19.11
N LEU D 42 18.70 -22.85 18.09
CA LEU D 42 19.16 -21.64 17.44
C LEU D 42 18.24 -20.55 17.95
N SER D 43 18.80 -19.50 18.52
CA SER D 43 17.98 -18.38 18.99
C SER D 43 18.25 -17.18 18.09
N LEU D 44 17.19 -16.46 17.73
CA LEU D 44 17.28 -15.29 16.88
C LEU D 44 16.63 -14.15 17.63
N THR D 45 17.33 -13.02 17.74
CA THR D 45 16.76 -11.88 18.46
C THR D 45 16.83 -10.58 17.68
N GLY D 46 15.75 -9.81 17.77
CA GLY D 46 15.68 -8.52 17.12
C GLY D 46 15.30 -7.53 18.21
N THR D 47 15.79 -6.29 18.11
CA THR D 47 15.48 -5.29 19.11
C THR D 47 15.58 -3.86 18.59
N ASP D 48 14.94 -2.93 19.29
CA ASP D 48 15.01 -1.53 18.92
C ASP D 48 15.34 -0.74 20.19
N LEU D 49 15.88 -1.45 21.17
CA LEU D 49 16.27 -0.89 22.48
C LEU D 49 15.10 -0.78 23.46
N GLU D 50 13.89 -0.51 22.96
CA GLU D 50 12.72 -0.40 23.84
C GLU D 50 12.08 -1.78 24.07
N MET D 51 12.21 -2.65 23.07
CA MET D 51 11.65 -3.99 23.13
C MET D 51 12.47 -4.98 22.32
N GLU D 52 12.24 -6.26 22.55
CA GLU D 52 12.96 -7.30 21.82
C GLU D 52 12.06 -8.50 21.55
N MET D 53 12.34 -9.17 20.44
CA MET D 53 11.60 -10.35 20.01
C MET D 53 12.61 -11.48 19.85
N VAL D 54 12.36 -12.59 20.54
CA VAL D 54 13.26 -13.73 20.48
C VAL D 54 12.53 -14.98 19.99
N ALA D 55 13.14 -15.66 19.02
CA ALA D 55 12.57 -16.89 18.46
C ALA D 55 13.52 -18.06 18.72
N ARG D 56 12.93 -19.21 19.00
CA ARG D 56 13.68 -20.43 19.29
C ARG D 56 13.44 -21.43 18.17
N VAL D 57 14.51 -21.94 17.56
CA VAL D 57 14.39 -22.92 16.50
C VAL D 57 15.18 -24.18 16.86
N ALA D 58 14.49 -25.31 16.93
CA ALA D 58 15.15 -26.57 17.25
C ALA D 58 16.09 -26.94 16.10
N LEU D 59 17.29 -27.37 16.44
CA LEU D 59 18.27 -27.75 15.42
C LEU D 59 18.39 -29.27 15.40
N VAL D 60 17.91 -29.87 14.32
CA VAL D 60 17.93 -31.32 14.20
C VAL D 60 19.13 -31.81 13.40
N GLN D 61 19.80 -30.87 12.72
CA GLN D 61 20.98 -31.21 11.94
C GLN D 61 22.20 -30.82 12.75
N PRO D 62 23.39 -31.36 12.40
CA PRO D 62 24.62 -31.04 13.12
C PRO D 62 24.86 -29.55 13.28
N HIS D 63 25.38 -29.15 14.44
CA HIS D 63 25.63 -27.74 14.72
C HIS D 63 26.80 -27.52 15.66
N GLU D 64 27.22 -26.26 15.76
CA GLU D 64 28.30 -25.87 16.64
C GLU D 64 27.86 -24.61 17.35
N PRO D 65 28.11 -24.52 18.67
CA PRO D 65 27.72 -23.35 19.45
C PRO D 65 28.46 -22.07 19.04
N GLY D 66 27.87 -20.94 19.39
CA GLY D 66 28.47 -19.67 19.07
C GLY D 66 27.39 -18.62 18.83
N ALA D 67 27.82 -17.37 18.64
CA ALA D 67 26.89 -16.27 18.41
C ALA D 67 27.55 -15.13 17.65
N THR D 68 26.72 -14.36 16.95
CA THR D 68 27.18 -13.21 16.18
C THR D 68 25.93 -12.42 15.79
N THR D 69 26.11 -11.28 15.12
CA THR D 69 24.97 -10.52 14.66
C THR D 69 25.16 -10.24 13.17
N VAL D 70 24.05 -10.20 12.43
CA VAL D 70 24.09 -9.97 10.99
C VAL D 70 22.91 -9.12 10.56
N PRO D 71 23.05 -8.40 9.43
CA PRO D 71 21.98 -7.55 8.91
C PRO D 71 20.71 -8.38 8.80
N ALA D 72 19.67 -7.99 9.53
CA ALA D 72 18.42 -8.74 9.53
C ALA D 72 17.73 -8.82 8.17
N ARG D 73 17.51 -7.67 7.55
CA ARG D 73 16.83 -7.64 6.26
C ARG D 73 17.58 -8.42 5.18
N LYS D 74 18.88 -8.23 5.08
CA LYS D 74 19.65 -8.96 4.07
C LYS D 74 19.54 -10.47 4.30
N PHE D 75 19.73 -10.91 5.55
CA PHE D 75 19.65 -12.34 5.87
C PHE D 75 18.27 -12.90 5.54
N PHE D 76 17.22 -12.20 5.94
CA PHE D 76 15.86 -12.65 5.64
C PHE D 76 15.63 -12.69 4.12
N ASP D 77 16.06 -11.65 3.40
CA ASP D 77 15.85 -11.61 1.95
C ASP D 77 16.58 -12.74 1.22
N ILE D 78 17.74 -13.12 1.73
CA ILE D 78 18.49 -14.19 1.12
C ILE D 78 17.70 -15.50 1.32
N CYS D 79 17.31 -15.74 2.55
CA CYS D 79 16.56 -16.95 2.89
C CYS D 79 15.26 -17.06 2.11
N ARG D 80 14.52 -15.97 2.07
CA ARG D 80 13.25 -15.91 1.38
C ARG D 80 13.45 -16.08 -0.13
N GLY D 81 14.58 -15.57 -0.63
CA GLY D 81 14.87 -15.64 -2.05
C GLY D 81 15.31 -17.00 -2.58
N LEU D 82 15.68 -17.90 -1.68
CA LEU D 82 16.12 -19.23 -2.08
C LEU D 82 14.88 -20.06 -2.46
N PRO D 83 15.08 -21.16 -3.21
CA PRO D 83 13.94 -21.97 -3.60
C PRO D 83 13.27 -22.73 -2.46
N GLU D 84 11.98 -23.01 -2.62
CA GLU D 84 11.24 -23.73 -1.60
C GLU D 84 12.00 -25.00 -1.26
N GLY D 85 12.00 -25.38 0.01
CA GLY D 85 12.70 -26.58 0.43
C GLY D 85 14.22 -26.53 0.50
N ALA D 86 14.82 -25.39 0.21
CA ALA D 86 16.28 -25.28 0.24
C ALA D 86 16.85 -25.50 1.64
N GLU D 87 18.03 -26.12 1.70
CA GLU D 87 18.73 -26.35 2.96
C GLU D 87 19.67 -25.17 3.10
N ILE D 88 19.63 -24.49 4.24
CA ILE D 88 20.47 -23.32 4.45
C ILE D 88 21.55 -23.58 5.50
N ALA D 89 22.80 -23.64 5.03
CA ALA D 89 23.96 -23.90 5.86
C ALA D 89 24.61 -22.57 6.23
N VAL D 90 24.79 -22.34 7.53
CA VAL D 90 25.38 -21.10 8.01
C VAL D 90 26.60 -21.34 8.89
N GLN D 91 27.66 -20.57 8.67
CA GLN D 91 28.85 -20.70 9.50
C GLN D 91 29.54 -19.35 9.66
N LEU D 92 30.03 -19.10 10.86
CA LEU D 92 30.72 -17.86 11.19
C LEU D 92 32.19 -17.99 10.85
N GLU D 93 32.74 -16.99 10.18
CA GLU D 93 34.15 -17.00 9.81
C GLU D 93 34.76 -15.62 9.94
N GLY D 94 35.35 -15.36 11.11
CA GLY D 94 35.94 -14.06 11.35
C GLY D 94 34.85 -13.03 11.42
N GLU D 95 35.05 -11.91 10.75
CA GLU D 95 34.07 -10.84 10.76
C GLU D 95 32.94 -11.01 9.75
N ARG D 96 32.80 -12.21 9.21
CA ARG D 96 31.75 -12.48 8.24
C ARG D 96 31.01 -13.79 8.51
N MET D 97 29.74 -13.85 8.12
CA MET D 97 28.94 -15.06 8.31
C MET D 97 28.67 -15.60 6.90
N LEU D 98 29.03 -16.85 6.67
CA LEU D 98 28.83 -17.46 5.37
C LEU D 98 27.52 -18.23 5.29
N VAL D 99 26.75 -17.93 4.25
CA VAL D 99 25.49 -18.61 4.04
C VAL D 99 25.59 -19.33 2.70
N ARG D 100 25.26 -20.62 2.70
CA ARG D 100 25.31 -21.39 1.48
C ARG D 100 24.08 -22.26 1.34
N SER D 101 23.66 -22.45 0.10
CA SER D 101 22.53 -23.27 -0.24
C SER D 101 22.68 -23.61 -1.72
N GLY D 102 22.77 -24.90 -2.02
CA GLY D 102 22.95 -25.29 -3.42
C GLY D 102 24.19 -24.57 -3.90
N ARG D 103 24.11 -23.90 -5.03
CA ARG D 103 25.27 -23.20 -5.56
C ARG D 103 25.16 -21.68 -5.38
N SER D 104 24.50 -21.28 -4.29
CA SER D 104 24.36 -19.86 -3.98
C SER D 104 25.23 -19.61 -2.74
N ARG D 105 25.98 -18.52 -2.76
CA ARG D 105 26.85 -18.20 -1.64
C ARG D 105 26.72 -16.74 -1.24
N PHE D 106 26.71 -16.49 0.07
CA PHE D 106 26.59 -15.13 0.58
C PHE D 106 27.48 -14.92 1.78
N SER D 107 28.16 -13.78 1.81
CA SER D 107 29.03 -13.42 2.91
C SER D 107 28.51 -12.12 3.49
N LEU D 108 28.02 -12.18 4.72
CA LEU D 108 27.46 -11.01 5.41
C LEU D 108 28.41 -10.44 6.47
N SER D 109 28.43 -9.12 6.59
CA SER D 109 29.29 -8.49 7.58
C SER D 109 28.62 -8.67 8.91
N THR D 110 29.41 -8.86 9.96
CA THR D 110 28.85 -9.05 11.29
C THR D 110 29.27 -7.94 12.24
N LEU D 111 28.60 -7.91 13.38
CA LEU D 111 28.90 -6.98 14.45
C LEU D 111 28.94 -7.93 15.66
N PRO D 112 29.83 -7.69 16.62
CA PRO D 112 29.95 -8.55 17.79
C PRO D 112 28.66 -8.79 18.58
N ALA D 113 28.42 -10.05 18.92
CA ALA D 113 27.24 -10.42 19.69
C ALA D 113 27.29 -9.71 21.05
N ALA D 114 28.50 -9.51 21.58
CA ALA D 114 28.67 -8.83 22.87
C ALA D 114 28.19 -7.38 22.82
N ASP D 115 28.16 -6.81 21.62
CA ASP D 115 27.71 -5.43 21.43
C ASP D 115 26.18 -5.34 21.32
N PHE D 116 25.54 -6.48 21.04
CA PHE D 116 24.09 -6.48 20.87
C PHE D 116 23.35 -6.03 22.13
N PRO D 117 22.42 -5.07 21.99
CA PRO D 117 21.63 -4.56 23.10
C PRO D 117 20.96 -5.70 23.87
N ASN D 118 21.08 -5.66 25.19
CA ASN D 118 20.51 -6.70 26.05
C ASN D 118 19.82 -6.06 27.25
N LEU D 119 18.49 -6.10 27.26
CA LEU D 119 17.72 -5.54 28.36
C LEU D 119 18.25 -6.17 29.66
N ASP D 120 18.47 -5.35 30.67
CA ASP D 120 18.97 -5.86 31.95
C ASP D 120 18.00 -6.88 32.50
N ASP D 121 18.50 -7.80 33.33
CA ASP D 121 17.62 -8.80 33.92
C ASP D 121 16.63 -8.03 34.79
N TRP D 122 15.42 -8.55 34.91
CA TRP D 122 14.41 -7.90 35.72
C TRP D 122 13.55 -8.99 36.38
N GLN D 123 12.78 -8.60 37.39
CA GLN D 123 11.94 -9.55 38.11
C GLN D 123 10.47 -9.38 37.81
N SER D 124 9.77 -10.48 37.52
CA SER D 124 8.34 -10.38 37.28
C SER D 124 7.67 -10.23 38.65
N GLU D 125 6.63 -9.42 38.73
CA GLU D 125 5.93 -9.20 39.99
C GLU D 125 4.51 -9.73 39.87
N VAL D 126 4.05 -9.83 38.62
CA VAL D 126 2.71 -10.31 38.33
C VAL D 126 2.76 -11.23 37.13
N GLU D 127 2.10 -12.38 37.22
CA GLU D 127 2.09 -13.31 36.10
C GLU D 127 0.72 -13.90 35.87
N PHE D 128 0.40 -14.12 34.60
CA PHE D 128 -0.87 -14.73 34.24
C PHE D 128 -0.86 -15.28 32.83
N THR D 129 -1.76 -16.22 32.59
CA THR D 129 -1.88 -16.82 31.28
C THR D 129 -3.26 -16.44 30.78
N LEU D 130 -3.37 -16.22 29.48
CA LEU D 130 -4.66 -15.88 28.91
C LEU D 130 -4.74 -16.35 27.47
N PRO D 131 -5.95 -16.50 26.95
CA PRO D 131 -6.17 -16.93 25.57
C PRO D 131 -5.69 -15.82 24.64
N GLN D 132 -5.12 -16.20 23.51
CA GLN D 132 -4.66 -15.20 22.55
C GLN D 132 -5.80 -14.29 22.10
N ALA D 133 -6.99 -14.86 21.93
CA ALA D 133 -8.16 -14.09 21.52
C ALA D 133 -8.51 -12.97 22.49
N THR D 134 -8.24 -13.17 23.77
CA THR D 134 -8.55 -12.13 24.75
C THR D 134 -7.62 -10.94 24.56
N MET D 135 -6.34 -11.21 24.29
CA MET D 135 -5.38 -10.13 24.08
C MET D 135 -5.76 -9.38 22.81
N LYS D 136 -6.15 -10.13 21.78
CA LYS D 136 -6.54 -9.53 20.50
C LYS D 136 -7.74 -8.62 20.68
N ARG D 137 -8.74 -9.09 21.42
CA ARG D 137 -9.93 -8.29 21.67
C ARG D 137 -9.59 -7.01 22.45
N LEU D 138 -8.82 -7.15 23.51
CA LEU D 138 -8.44 -6.01 24.35
C LEU D 138 -7.70 -4.92 23.60
N ILE D 139 -6.80 -5.32 22.71
CA ILE D 139 -6.02 -4.37 21.94
C ILE D 139 -6.80 -3.76 20.80
N GLU D 140 -7.47 -4.60 20.02
CA GLU D 140 -8.27 -4.10 18.92
C GLU D 140 -9.37 -3.15 19.39
N ALA D 141 -9.90 -3.40 20.58
CA ALA D 141 -10.98 -2.57 21.09
C ALA D 141 -10.56 -1.17 21.51
N THR D 142 -9.28 -1.00 21.81
CA THR D 142 -8.82 0.29 22.32
C THR D 142 -7.63 0.95 21.61
N GLN D 143 -6.91 0.19 20.79
CA GLN D 143 -5.72 0.70 20.11
C GLN D 143 -5.81 2.07 19.42
N PHE D 144 -6.87 2.28 18.64
CA PHE D 144 -7.04 3.52 17.91
C PHE D 144 -7.11 4.79 18.75
N SER D 145 -7.43 4.66 20.04
CA SER D 145 -7.53 5.86 20.87
C SER D 145 -6.24 6.30 21.54
N MET D 146 -5.14 5.58 21.28
CA MET D 146 -3.86 5.99 21.87
C MET D 146 -3.36 7.25 21.17
N ALA D 147 -2.56 8.03 21.89
CA ALA D 147 -1.98 9.23 21.31
C ALA D 147 -0.84 8.72 20.43
N HIS D 148 -0.29 9.58 19.58
CA HIS D 148 0.78 9.17 18.68
C HIS D 148 2.15 9.72 19.05
N GLN D 149 2.22 11.03 19.27
CA GLN D 149 3.47 11.68 19.63
C GLN D 149 3.17 12.79 20.64
N ASP D 150 2.32 12.49 21.60
CA ASP D 150 1.96 13.48 22.61
C ASP D 150 3.14 13.75 23.55
N VAL D 151 3.24 14.97 24.03
CA VAL D 151 4.30 15.35 24.94
C VAL D 151 4.14 14.58 26.24
N ARG D 152 2.91 14.18 26.53
CA ARG D 152 2.62 13.39 27.71
C ARG D 152 2.84 11.95 27.27
N TYR D 153 4.09 11.52 27.33
CA TYR D 153 4.51 10.19 26.91
C TYR D 153 3.59 9.03 27.21
N TYR D 154 3.07 8.96 28.44
CA TYR D 154 2.18 7.86 28.81
C TYR D 154 0.90 7.73 27.99
N LEU D 155 0.58 8.74 27.17
CA LEU D 155 -0.63 8.67 26.35
C LEU D 155 -0.30 8.01 25.01
N ASN D 156 0.99 7.87 24.72
CA ASN D 156 1.45 7.23 23.50
C ASN D 156 1.67 5.76 23.81
N GLY D 157 0.72 5.18 24.53
CA GLY D 157 0.82 3.80 24.89
C GLY D 157 -0.53 3.29 25.35
N MET D 158 -0.55 2.10 25.93
CA MET D 158 -1.80 1.51 26.39
C MET D 158 -1.69 1.02 27.82
N LEU D 159 -2.65 1.42 28.64
CA LEU D 159 -2.64 0.98 30.03
C LEU D 159 -3.22 -0.42 30.07
N PHE D 160 -2.52 -1.33 30.73
CA PHE D 160 -3.00 -2.69 30.93
C PHE D 160 -3.20 -2.76 32.44
N GLU D 161 -4.41 -3.10 32.86
CA GLU D 161 -4.71 -3.16 34.28
C GLU D 161 -5.36 -4.47 34.74
N THR D 162 -4.83 -5.04 35.82
CA THR D 162 -5.37 -6.26 36.40
C THR D 162 -6.24 -5.83 37.57
N GLU D 163 -7.45 -6.39 37.66
CA GLU D 163 -8.36 -6.05 38.74
C GLU D 163 -9.32 -7.21 38.96
N GLY D 164 -9.30 -7.77 40.16
CA GLY D 164 -10.16 -8.91 40.44
C GLY D 164 -9.81 -10.03 39.48
N GLU D 165 -10.78 -10.48 38.68
CA GLU D 165 -10.51 -11.53 37.72
C GLU D 165 -10.52 -10.95 36.31
N GLU D 166 -10.31 -9.65 36.21
CA GLU D 166 -10.31 -9.01 34.90
C GLU D 166 -9.01 -8.35 34.49
N LEU D 167 -8.78 -8.34 33.18
CA LEU D 167 -7.64 -7.69 32.57
C LEU D 167 -8.31 -6.60 31.74
N ARG D 168 -7.81 -5.39 31.89
CA ARG D 168 -8.40 -4.26 31.18
C ARG D 168 -7.37 -3.41 30.48
N THR D 169 -7.77 -2.83 29.36
CA THR D 169 -6.92 -1.96 28.58
C THR D 169 -7.60 -0.61 28.48
N VAL D 170 -6.80 0.46 28.53
CA VAL D 170 -7.36 1.79 28.40
C VAL D 170 -6.42 2.54 27.48
N ALA D 171 -7.00 3.37 26.62
CA ALA D 171 -6.22 4.17 25.69
C ALA D 171 -6.91 5.51 25.52
N THR D 172 -6.14 6.60 25.58
CA THR D 172 -6.71 7.92 25.41
C THR D 172 -5.67 8.92 24.94
N ASP D 173 -6.13 9.94 24.22
CA ASP D 173 -5.22 10.97 23.72
C ASP D 173 -5.63 12.31 24.32
N GLY D 174 -6.54 12.27 25.29
CA GLY D 174 -7.01 13.48 25.93
C GLY D 174 -8.29 14.02 25.29
N HIS D 175 -8.54 13.63 24.04
CA HIS D 175 -9.73 14.08 23.32
C HIS D 175 -10.81 13.02 23.32
N ARG D 176 -10.39 11.77 23.23
CA ARG D 176 -11.31 10.64 23.27
C ARG D 176 -10.64 9.51 24.03
N LEU D 177 -11.43 8.58 24.55
CA LEU D 177 -10.88 7.47 25.33
C LEU D 177 -11.59 6.15 25.06
N ALA D 178 -10.84 5.05 25.20
CA ALA D 178 -11.38 3.71 25.01
C ALA D 178 -10.98 2.81 26.18
N VAL D 179 -11.93 2.03 26.66
CA VAL D 179 -11.65 1.11 27.75
C VAL D 179 -12.39 -0.18 27.45
N CYS D 180 -11.73 -1.30 27.73
CA CYS D 180 -12.28 -2.63 27.49
C CYS D 180 -11.78 -3.57 28.59
N SER D 181 -12.68 -4.38 29.14
CA SER D 181 -12.33 -5.33 30.19
C SER D 181 -12.74 -6.73 29.78
N MET D 182 -11.96 -7.72 30.17
CA MET D 182 -12.26 -9.12 29.86
C MET D 182 -11.95 -9.99 31.06
N PRO D 183 -12.81 -11.00 31.34
CA PRO D 183 -12.53 -11.86 32.49
C PRO D 183 -11.42 -12.83 32.05
N ILE D 184 -10.49 -13.14 32.93
CA ILE D 184 -9.43 -14.07 32.54
C ILE D 184 -9.30 -15.27 33.47
N GLY D 185 -10.38 -15.57 34.18
CA GLY D 185 -10.44 -16.72 35.07
C GLY D 185 -9.35 -16.95 36.09
N GLN D 186 -8.92 -15.90 36.77
CA GLN D 186 -7.89 -16.03 37.80
C GLN D 186 -7.82 -14.73 38.57
N SER D 187 -7.82 -14.85 39.90
CA SER D 187 -7.76 -13.68 40.76
C SER D 187 -6.35 -13.14 40.75
N LEU D 188 -6.21 -11.85 40.45
CA LEU D 188 -4.88 -11.25 40.40
C LEU D 188 -4.78 -10.00 41.24
N PRO D 189 -3.55 -9.60 41.62
CA PRO D 189 -3.35 -8.40 42.44
C PRO D 189 -3.69 -7.20 41.58
N SER D 190 -4.09 -6.10 42.20
CA SER D 190 -4.41 -4.90 41.45
C SER D 190 -3.09 -4.36 40.94
N HIS D 191 -3.00 -4.18 39.63
CA HIS D 191 -1.76 -3.71 39.03
C HIS D 191 -2.05 -2.91 37.77
N SER D 192 -1.23 -1.90 37.50
CA SER D 192 -1.39 -1.07 36.31
C SER D 192 -0.05 -0.77 35.71
N VAL D 193 0.04 -0.84 34.39
CA VAL D 193 1.28 -0.53 33.68
C VAL D 193 0.92 0.02 32.30
N ILE D 194 1.84 0.76 31.70
CA ILE D 194 1.61 1.33 30.39
C ILE D 194 2.57 0.74 29.35
N VAL D 195 2.02 0.09 28.33
CA VAL D 195 2.85 -0.50 27.29
C VAL D 195 3.00 0.52 26.16
N PRO D 196 4.24 0.74 25.70
CA PRO D 196 4.46 1.70 24.62
C PRO D 196 3.72 1.32 23.34
N ARG D 197 3.35 2.33 22.56
CA ARG D 197 2.64 2.14 21.32
C ARG D 197 3.22 1.04 20.44
N LYS D 198 4.54 1.07 20.24
CA LYS D 198 5.19 0.07 19.41
C LYS D 198 5.11 -1.32 20.02
N GLY D 199 5.05 -1.37 21.35
CA GLY D 199 4.94 -2.65 22.04
C GLY D 199 3.58 -3.28 21.83
N VAL D 200 2.54 -2.45 21.82
CA VAL D 200 1.18 -2.92 21.62
C VAL D 200 1.08 -3.57 20.24
N ILE D 201 1.65 -2.90 19.23
CA ILE D 201 1.65 -3.39 17.87
C ILE D 201 2.28 -4.78 17.81
N GLU D 202 3.41 -4.94 18.49
CA GLU D 202 4.11 -6.20 18.50
C GLU D 202 3.35 -7.32 19.21
N LEU D 203 2.71 -6.99 20.33
CA LEU D 203 1.93 -8.00 21.07
C LEU D 203 0.90 -8.57 20.11
N MET D 204 0.36 -7.68 19.30
CA MET D 204 -0.65 -8.00 18.31
C MET D 204 -0.07 -8.91 17.23
N ARG D 205 1.09 -8.53 16.71
CA ARG D 205 1.75 -9.30 15.67
C ARG D 205 2.10 -10.73 16.07
N MET D 206 2.43 -10.93 17.34
CA MET D 206 2.82 -12.26 17.79
C MET D 206 1.70 -13.27 18.02
N LEU D 207 0.45 -12.84 17.84
CA LEU D 207 -0.67 -13.76 18.03
C LEU D 207 -0.76 -14.62 16.77
N ASP D 208 -0.93 -15.93 16.95
CA ASP D 208 -0.99 -16.83 15.81
C ASP D 208 -2.34 -17.44 15.47
N GLY D 209 -3.41 -16.96 16.11
CA GLY D 209 -4.74 -17.48 15.84
C GLY D 209 -4.95 -18.94 16.20
N GLY D 210 -4.16 -19.45 17.13
CA GLY D 210 -4.28 -20.83 17.56
C GLY D 210 -4.57 -20.94 19.04
N ASP D 211 -4.45 -22.14 19.58
CA ASP D 211 -4.70 -22.37 21.00
C ASP D 211 -3.49 -22.22 21.92
N ASN D 212 -2.32 -21.95 21.34
CA ASN D 212 -1.12 -21.73 22.16
C ASN D 212 -1.51 -20.71 23.22
N PRO D 213 -1.23 -21.01 24.49
CA PRO D 213 -1.58 -20.04 25.52
C PRO D 213 -0.63 -18.85 25.47
N LEU D 214 -1.09 -17.69 25.94
CA LEU D 214 -0.26 -16.49 25.97
C LEU D 214 0.12 -16.28 27.43
N ARG D 215 1.40 -16.48 27.75
CA ARG D 215 1.90 -16.32 29.11
C ARG D 215 2.50 -14.93 29.27
N VAL D 216 1.97 -14.19 30.24
CA VAL D 216 2.38 -12.83 30.50
C VAL D 216 3.08 -12.65 31.85
N GLN D 217 4.17 -11.88 31.84
CA GLN D 217 4.93 -11.58 33.06
C GLN D 217 5.12 -10.06 33.11
N ILE D 218 4.76 -9.45 34.23
CA ILE D 218 4.89 -8.02 34.38
C ILE D 218 5.78 -7.65 35.56
N GLY D 219 6.72 -6.74 35.30
CA GLY D 219 7.63 -6.29 36.34
C GLY D 219 7.47 -4.80 36.56
N SER D 220 8.31 -4.22 37.41
CA SER D 220 8.21 -2.80 37.67
C SER D 220 8.42 -1.98 36.40
N ASN D 221 9.33 -2.43 35.53
CA ASN D 221 9.59 -1.68 34.32
C ASN D 221 9.55 -2.46 33.01
N ASN D 222 9.00 -3.67 33.02
CA ASN D 222 8.94 -4.47 31.80
C ASN D 222 7.72 -5.38 31.74
N ILE D 223 7.40 -5.82 30.53
CA ILE D 223 6.32 -6.75 30.31
C ILE D 223 6.88 -7.76 29.32
N ARG D 224 6.57 -9.02 29.54
CA ARG D 224 7.05 -10.09 28.67
C ARG D 224 5.86 -10.93 28.28
N ALA D 225 5.83 -11.36 27.02
CA ALA D 225 4.75 -12.20 26.53
C ALA D 225 5.35 -13.39 25.80
N HIS D 226 4.91 -14.60 26.16
CA HIS D 226 5.40 -15.82 25.54
C HIS D 226 4.29 -16.56 24.81
N VAL D 227 4.49 -16.84 23.52
CA VAL D 227 3.53 -17.60 22.72
C VAL D 227 4.35 -18.60 21.89
N GLY D 228 4.03 -19.88 22.05
CA GLY D 228 4.76 -20.89 21.32
C GLY D 228 6.25 -20.77 21.57
N ASP D 229 7.03 -20.69 20.50
CA ASP D 229 8.48 -20.57 20.60
C ASP D 229 8.96 -19.12 20.41
N PHE D 230 8.11 -18.16 20.75
CA PHE D 230 8.45 -16.75 20.63
C PHE D 230 8.27 -16.05 21.96
N ILE D 231 9.22 -15.17 22.27
CA ILE D 231 9.20 -14.42 23.52
C ILE D 231 9.41 -12.93 23.24
N PHE D 232 8.42 -12.13 23.58
CA PHE D 232 8.47 -10.69 23.37
C PHE D 232 8.64 -9.97 24.69
N THR D 233 9.55 -9.00 24.74
CA THR D 233 9.79 -8.24 25.96
C THR D 233 9.86 -6.75 25.63
N SER D 234 9.14 -5.94 26.40
CA SER D 234 9.14 -4.51 26.17
C SER D 234 9.32 -3.73 27.45
N LYS D 235 9.94 -2.56 27.33
CA LYS D 235 10.08 -1.69 28.49
C LYS D 235 8.70 -1.09 28.68
N LEU D 236 8.41 -0.63 29.88
CA LEU D 236 7.12 0.00 30.16
C LEU D 236 7.31 1.52 30.12
N VAL D 237 6.20 2.25 30.06
CA VAL D 237 6.24 3.71 30.04
C VAL D 237 5.91 4.21 31.45
N ASP D 238 6.77 5.07 31.99
CA ASP D 238 6.52 5.62 33.32
C ASP D 238 5.42 6.67 33.23
N GLY D 239 4.64 6.84 34.29
CA GLY D 239 3.59 7.83 34.26
C GLY D 239 2.33 7.41 34.99
N ARG D 240 1.49 8.39 35.29
CA ARG D 240 0.23 8.13 35.97
C ARG D 240 -0.85 8.27 34.92
N PHE D 241 -1.32 7.13 34.43
CA PHE D 241 -2.35 7.12 33.41
C PHE D 241 -3.66 7.68 33.99
N PRO D 242 -4.42 8.42 33.18
CA PRO D 242 -5.69 8.97 33.66
C PRO D 242 -6.68 7.87 34.05
N ASP D 243 -7.49 8.13 35.06
CA ASP D 243 -8.48 7.15 35.55
C ASP D 243 -9.70 7.16 34.64
N TYR D 244 -9.97 6.05 33.96
CA TYR D 244 -11.12 6.02 33.06
C TYR D 244 -12.44 6.19 33.82
N ARG D 245 -12.45 5.75 35.07
CA ARG D 245 -13.64 5.83 35.92
C ARG D 245 -14.13 7.27 36.04
N ARG D 246 -13.20 8.21 36.10
CA ARG D 246 -13.53 9.62 36.23
C ARG D 246 -13.81 10.29 34.88
N VAL D 247 -13.40 9.63 33.81
CA VAL D 247 -13.61 10.19 32.46
C VAL D 247 -15.00 9.86 31.92
N LEU D 248 -15.53 8.71 32.31
CA LEU D 248 -16.87 8.32 31.86
C LEU D 248 -17.83 9.42 32.34
N PRO D 249 -18.73 9.88 31.45
CA PRO D 249 -19.65 10.93 31.89
C PRO D 249 -20.45 10.46 33.11
N LYS D 250 -20.73 11.38 34.03
CA LYS D 250 -21.46 11.04 35.24
C LYS D 250 -22.97 10.81 35.03
N ASN D 251 -23.61 11.73 34.33
CA ASN D 251 -25.06 11.60 34.11
C ASN D 251 -25.49 11.53 32.65
N PRO D 252 -25.04 10.50 31.91
CA PRO D 252 -25.41 10.37 30.50
C PRO D 252 -26.78 9.69 30.42
N ASP D 253 -27.81 10.41 30.86
CA ASP D 253 -29.17 9.90 30.91
C ASP D 253 -29.91 9.64 29.59
N LYS D 254 -29.70 10.50 28.59
CA LYS D 254 -30.37 10.34 27.30
C LYS D 254 -29.69 9.26 26.48
N HIS D 255 -30.36 8.12 26.32
CA HIS D 255 -29.79 7.01 25.56
C HIS D 255 -30.43 6.79 24.18
N LEU D 256 -29.57 6.70 23.17
CA LEU D 256 -30.03 6.47 21.80
C LEU D 256 -29.42 5.18 21.28
N GLU D 257 -30.24 4.35 20.62
CA GLU D 257 -29.74 3.11 20.06
C GLU D 257 -30.02 3.08 18.56
N ALA D 258 -29.03 2.68 17.78
CA ALA D 258 -29.19 2.62 16.33
C ALA D 258 -28.32 1.52 15.73
N GLY D 259 -28.57 1.20 14.46
CA GLY D 259 -27.78 0.19 13.79
C GLY D 259 -26.37 0.72 13.61
N CYS D 260 -25.38 -0.08 14.00
CA CYS D 260 -23.99 0.34 13.89
C CYS D 260 -23.55 0.69 12.47
N ASP D 261 -23.84 -0.16 11.51
CA ASP D 261 -23.44 0.11 10.14
C ASP D 261 -24.19 1.28 9.52
N LEU D 262 -25.50 1.30 9.69
CA LEU D 262 -26.28 2.41 9.14
C LEU D 262 -25.77 3.73 9.74
N LEU D 263 -25.51 3.73 11.05
CA LEU D 263 -25.01 4.94 11.71
C LEU D 263 -23.63 5.30 11.17
N LYS D 264 -22.78 4.28 11.05
CA LYS D 264 -21.42 4.45 10.53
C LYS D 264 -21.41 5.00 9.10
N GLN D 265 -22.22 4.40 8.23
CA GLN D 265 -22.29 4.86 6.84
C GLN D 265 -22.79 6.29 6.69
N ALA D 266 -23.72 6.69 7.57
CA ALA D 266 -24.28 8.04 7.52
C ALA D 266 -23.22 9.04 7.95
N PHE D 267 -22.49 8.70 9.01
CA PHE D 267 -21.43 9.54 9.53
C PHE D 267 -20.31 9.65 8.51
N ALA D 268 -20.04 8.55 7.81
CA ALA D 268 -19.01 8.49 6.80
C ALA D 268 -19.33 9.42 5.64
N ARG D 269 -20.59 9.43 5.20
CA ARG D 269 -20.99 10.28 4.10
C ARG D 269 -20.95 11.74 4.53
N ALA D 270 -21.57 12.05 5.67
CA ALA D 270 -21.59 13.41 6.20
C ALA D 270 -20.16 13.96 6.36
N ALA D 271 -19.25 13.09 6.76
CA ALA D 271 -17.85 13.47 6.96
C ALA D 271 -17.19 14.04 5.69
N ILE D 272 -17.62 13.57 4.53
CA ILE D 272 -17.04 14.05 3.28
C ILE D 272 -17.08 15.56 3.15
N LEU D 273 -18.17 16.17 3.63
CA LEU D 273 -18.31 17.62 3.53
C LEU D 273 -18.03 18.41 4.81
N SER D 274 -17.26 17.84 5.71
CA SER D 274 -16.92 18.54 6.95
C SER D 274 -15.57 19.21 6.80
N ASN D 275 -15.29 20.17 7.68
CA ASN D 275 -14.04 20.90 7.65
C ASN D 275 -12.90 19.90 7.69
N GLU D 276 -12.06 19.92 6.66
CA GLU D 276 -10.93 18.99 6.58
C GLU D 276 -9.96 19.18 7.73
N LYS D 277 -10.07 20.32 8.41
CA LYS D 277 -9.18 20.62 9.52
C LYS D 277 -9.76 20.15 10.86
N PHE D 278 -10.94 20.64 11.20
CA PHE D 278 -11.57 20.28 12.46
C PHE D 278 -12.55 19.11 12.38
N ARG D 279 -12.87 18.70 11.15
CA ARG D 279 -13.75 17.57 10.90
C ARG D 279 -14.98 17.53 11.81
N GLY D 280 -15.62 18.67 11.99
CA GLY D 280 -16.79 18.70 12.86
C GLY D 280 -18.12 18.43 12.20
N VAL D 281 -18.93 17.62 12.86
CA VAL D 281 -20.27 17.32 12.38
C VAL D 281 -21.18 17.66 13.54
N ARG D 282 -22.44 17.92 13.23
CA ARG D 282 -23.40 18.28 14.26
C ARG D 282 -24.52 17.26 14.27
N LEU D 283 -24.90 16.83 15.47
CA LEU D 283 -25.97 15.86 15.60
C LEU D 283 -27.19 16.50 16.21
N TYR D 284 -28.36 16.14 15.68
CA TYR D 284 -29.61 16.66 16.21
C TYR D 284 -30.44 15.44 16.60
N VAL D 285 -30.64 15.26 17.90
CA VAL D 285 -31.41 14.13 18.36
C VAL D 285 -32.82 14.54 18.77
N SER D 286 -33.79 13.79 18.25
CA SER D 286 -35.19 14.04 18.54
C SER D 286 -35.86 12.69 18.69
N GLU D 287 -37.15 12.67 19.02
CA GLU D 287 -37.86 11.40 19.21
C GLU D 287 -37.59 10.42 18.06
N ASN D 288 -37.00 9.28 18.40
CA ASN D 288 -36.69 8.24 17.43
C ASN D 288 -35.98 8.71 16.15
N GLN D 289 -35.26 9.82 16.23
CA GLN D 289 -34.58 10.28 15.03
C GLN D 289 -33.27 10.99 15.28
N LEU D 290 -32.32 10.73 14.38
CA LEU D 290 -31.01 11.35 14.45
C LEU D 290 -30.74 12.10 13.15
N LYS D 291 -30.27 13.33 13.27
CA LYS D 291 -29.96 14.16 12.12
C LYS D 291 -28.49 14.58 12.20
N ILE D 292 -27.71 14.15 11.22
CA ILE D 292 -26.29 14.48 11.19
C ILE D 292 -26.05 15.49 10.08
N THR D 293 -25.39 16.59 10.40
CA THR D 293 -25.11 17.59 9.39
C THR D 293 -23.65 18.00 9.44
N ALA D 294 -23.18 18.62 8.35
CA ALA D 294 -21.81 19.06 8.25
C ALA D 294 -21.66 20.07 7.12
N ASN D 295 -20.82 21.07 7.32
CA ASN D 295 -20.55 22.07 6.29
C ASN D 295 -19.07 22.43 6.37
N ASN D 296 -18.54 22.99 5.29
CA ASN D 296 -17.11 23.35 5.23
C ASN D 296 -16.89 24.79 4.76
N PRO D 297 -15.62 25.20 4.60
CA PRO D 297 -15.34 26.57 4.15
C PRO D 297 -15.83 26.87 2.73
N GLU D 298 -15.96 25.83 1.90
CA GLU D 298 -16.44 26.01 0.53
C GLU D 298 -17.96 26.15 0.53
N GLN D 299 -18.52 26.25 1.73
CA GLN D 299 -19.95 26.41 1.94
C GLN D 299 -20.77 25.22 1.43
N GLU D 300 -20.15 24.04 1.39
CA GLU D 300 -20.86 22.85 0.95
C GLU D 300 -21.54 22.28 2.18
N GLU D 301 -22.58 21.49 1.98
CA GLU D 301 -23.36 20.99 3.10
C GLU D 301 -23.93 19.58 2.91
N ALA D 302 -23.87 18.78 3.98
CA ALA D 302 -24.39 17.42 3.95
C ALA D 302 -25.39 17.19 5.08
N GLU D 303 -26.36 16.33 4.83
CA GLU D 303 -27.38 16.01 5.82
C GLU D 303 -27.85 14.56 5.74
N GLU D 304 -27.80 13.87 6.87
CA GLU D 304 -28.24 12.47 6.95
C GLU D 304 -29.35 12.34 7.99
N ILE D 305 -30.38 11.59 7.67
CA ILE D 305 -31.45 11.38 8.64
C ILE D 305 -31.59 9.88 8.83
N LEU D 306 -31.70 9.45 10.09
CA LEU D 306 -31.83 8.04 10.42
C LEU D 306 -32.89 7.77 11.46
N ASP D 307 -33.59 6.64 11.33
CA ASP D 307 -34.58 6.26 12.30
C ASP D 307 -33.79 5.53 13.38
N VAL D 308 -33.94 5.97 14.62
CA VAL D 308 -33.24 5.37 15.74
C VAL D 308 -34.21 5.22 16.90
N THR D 309 -33.74 4.66 18.01
CA THR D 309 -34.59 4.51 19.18
C THR D 309 -34.15 5.54 20.20
N TYR D 310 -35.01 6.51 20.48
CA TYR D 310 -34.69 7.58 21.42
C TYR D 310 -35.93 8.30 21.95
N SER D 311 -36.00 8.46 23.28
CA SER D 311 -37.14 9.13 23.92
C SER D 311 -36.79 10.37 24.71
N GLY D 312 -35.52 10.54 25.07
CA GLY D 312 -35.11 11.70 25.83
C GLY D 312 -35.52 13.02 25.19
N ALA D 313 -35.01 14.12 25.73
CA ALA D 313 -35.30 15.45 25.20
C ALA D 313 -34.38 15.75 24.03
N GLU D 314 -34.80 16.65 23.15
CA GLU D 314 -33.99 17.01 21.99
C GLU D 314 -32.76 17.81 22.39
N MET D 315 -31.70 17.69 21.61
CA MET D 315 -30.46 18.43 21.86
C MET D 315 -29.58 18.41 20.63
N GLU D 316 -28.66 19.37 20.56
CA GLU D 316 -27.73 19.47 19.44
C GLU D 316 -26.31 19.45 20.01
N ILE D 317 -25.47 18.60 19.45
CA ILE D 317 -24.11 18.50 19.93
C ILE D 317 -23.15 18.31 18.76
N GLY D 318 -21.97 18.90 18.87
CA GLY D 318 -20.99 18.78 17.81
C GLY D 318 -19.92 17.77 18.18
N PHE D 319 -19.33 17.15 17.15
CA PHE D 319 -18.28 16.16 17.35
C PHE D 319 -17.29 16.10 16.19
N ASN D 320 -16.12 15.54 16.47
CA ASN D 320 -15.11 15.33 15.47
C ASN D 320 -15.57 13.98 14.91
N VAL D 321 -16.06 13.98 13.67
CA VAL D 321 -16.58 12.77 13.07
C VAL D 321 -15.54 11.65 12.95
N SER D 322 -14.26 12.01 12.93
CA SER D 322 -13.21 11.00 12.85
C SER D 322 -13.22 10.17 14.14
N TYR D 323 -13.39 10.85 15.28
CA TYR D 323 -13.42 10.17 16.57
C TYR D 323 -14.62 9.23 16.62
N VAL D 324 -15.78 9.71 16.17
CA VAL D 324 -16.99 8.92 16.17
C VAL D 324 -16.88 7.71 15.25
N LEU D 325 -16.31 7.91 14.06
CA LEU D 325 -16.13 6.82 13.11
C LEU D 325 -15.15 5.77 13.65
N ASP D 326 -14.10 6.19 14.33
CA ASP D 326 -13.13 5.25 14.89
C ASP D 326 -13.81 4.27 15.84
N VAL D 327 -14.71 4.80 16.67
CA VAL D 327 -15.45 3.98 17.62
C VAL D 327 -16.37 3.02 16.88
N LEU D 328 -17.19 3.57 15.98
CA LEU D 328 -18.13 2.74 15.23
C LEU D 328 -17.39 1.69 14.41
N ASN D 329 -16.24 2.06 13.86
CA ASN D 329 -15.46 1.10 13.08
C ASN D 329 -14.95 -0.01 13.98
N ALA D 330 -14.66 0.33 15.24
CA ALA D 330 -14.16 -0.65 16.21
C ALA D 330 -15.28 -1.55 16.73
N LEU D 331 -16.41 -0.94 17.03
CA LEU D 331 -17.60 -1.64 17.53
C LEU D 331 -18.27 -2.37 16.37
N LYS D 332 -17.68 -3.48 15.96
CA LYS D 332 -18.20 -4.26 14.85
C LYS D 332 -19.38 -5.09 15.32
N CYS D 333 -20.41 -4.41 15.82
CA CYS D 333 -21.59 -5.07 16.36
C CYS D 333 -22.89 -4.75 15.62
N GLU D 334 -23.99 -5.36 16.06
CA GLU D 334 -25.29 -5.13 15.44
C GLU D 334 -25.85 -3.74 15.75
N ASN D 335 -25.94 -3.40 17.03
CA ASN D 335 -26.47 -2.11 17.43
C ASN D 335 -25.58 -1.39 18.43
N VAL D 336 -25.54 -0.06 18.31
CA VAL D 336 -24.72 0.74 19.20
C VAL D 336 -25.60 1.59 20.11
N ARG D 337 -25.08 1.96 21.27
CA ARG D 337 -25.80 2.80 22.19
C ARG D 337 -24.97 4.05 22.41
N MET D 338 -25.60 5.21 22.24
CA MET D 338 -24.94 6.48 22.46
C MET D 338 -25.61 7.07 23.71
N MET D 339 -24.80 7.38 24.72
CA MET D 339 -25.31 7.92 25.97
C MET D 339 -24.91 9.39 26.07
N LEU D 340 -25.89 10.27 25.96
CA LEU D 340 -25.64 11.72 26.00
C LEU D 340 -26.10 12.40 27.28
N THR D 341 -25.58 13.60 27.50
CA THR D 341 -25.92 14.41 28.67
C THR D 341 -26.39 15.78 28.18
N ASP D 342 -25.53 16.46 27.42
CA ASP D 342 -25.87 17.76 26.85
C ASP D 342 -24.89 18.22 25.78
N SER D 343 -25.01 19.48 25.40
CA SER D 343 -24.20 20.07 24.34
C SER D 343 -22.76 20.35 24.70
N VAL D 344 -22.46 20.51 25.98
CA VAL D 344 -21.10 20.78 26.42
C VAL D 344 -20.50 19.57 27.13
N SER D 345 -21.15 18.42 27.00
CA SER D 345 -20.68 17.20 27.66
C SER D 345 -20.22 16.14 26.66
N SER D 346 -19.43 15.20 27.15
CA SER D 346 -18.92 14.12 26.31
C SER D 346 -20.01 13.08 26.10
N VAL D 347 -19.83 12.25 25.07
CA VAL D 347 -20.78 11.19 24.79
C VAL D 347 -20.13 9.85 25.09
N GLN D 348 -20.87 8.94 25.70
CA GLN D 348 -20.33 7.61 25.95
C GLN D 348 -20.98 6.72 24.91
N ILE D 349 -20.16 5.90 24.27
CA ILE D 349 -20.63 4.99 23.23
C ILE D 349 -20.22 3.55 23.56
N GLU D 350 -21.12 2.62 23.32
CA GLU D 350 -20.85 1.21 23.55
C GLU D 350 -21.78 0.29 22.75
N ASP D 351 -21.40 -0.98 22.67
CA ASP D 351 -22.21 -1.96 21.95
C ASP D 351 -23.49 -1.99 22.77
N ALA D 352 -24.65 -1.93 22.11
CA ALA D 352 -25.93 -1.94 22.80
C ALA D 352 -26.16 -3.20 23.62
N ALA D 353 -25.50 -4.29 23.23
CA ALA D 353 -25.67 -5.55 23.93
C ALA D 353 -24.47 -5.96 24.77
N SER D 354 -23.52 -5.05 24.96
CA SER D 354 -22.34 -5.38 25.75
C SER D 354 -21.71 -4.17 26.42
N GLN D 355 -21.35 -4.32 27.69
CA GLN D 355 -20.70 -3.22 28.41
C GLN D 355 -19.23 -3.52 28.65
N SER D 356 -18.70 -4.54 27.98
CA SER D 356 -17.31 -4.92 28.14
C SER D 356 -16.35 -3.81 27.69
N ALA D 357 -16.81 -2.98 26.75
CA ALA D 357 -16.00 -1.87 26.25
C ALA D 357 -16.83 -0.60 26.22
N ALA D 358 -16.20 0.52 26.53
CA ALA D 358 -16.88 1.79 26.53
C ALA D 358 -15.97 2.84 25.89
N TYR D 359 -16.58 3.81 25.22
CA TYR D 359 -15.82 4.86 24.56
C TYR D 359 -16.39 6.23 24.92
N VAL D 360 -15.50 7.20 25.11
CA VAL D 360 -15.91 8.55 25.45
C VAL D 360 -15.27 9.54 24.48
N VAL D 361 -16.08 10.44 23.94
CA VAL D 361 -15.57 11.43 23.01
C VAL D 361 -15.97 12.82 23.49
N MET D 362 -14.97 13.71 23.60
CA MET D 362 -15.20 15.07 24.05
C MET D 362 -16.05 15.77 23.00
N PRO D 363 -16.95 16.67 23.44
CA PRO D 363 -17.78 17.37 22.47
C PRO D 363 -17.02 18.49 21.78
N MET D 364 -17.62 19.00 20.71
CA MET D 364 -17.04 20.11 19.96
C MET D 364 -18.07 21.20 20.10
N ARG D 365 -17.96 22.01 21.16
CA ARG D 365 -18.92 23.07 21.41
C ARG D 365 -18.49 24.46 20.93
N LEU D 366 -19.49 25.25 20.56
CA LEU D 366 -19.29 26.62 20.09
C LEU D 366 -19.21 27.61 21.25
#